data_3C2J
# 
_entry.id   3C2J 
# 
_audit_conform.dict_name       mmcif_pdbx.dic 
_audit_conform.dict_version    5.388 
_audit_conform.dict_location   http://mmcif.pdb.org/dictionaries/ascii/mmcif_pdbx.dic 
# 
loop_
_database_2.database_id 
_database_2.database_code 
_database_2.pdbx_database_accession 
_database_2.pdbx_DOI 
PDB   3C2J         pdb_00003c2j 10.2210/pdb3c2j/pdb 
NDB   DD0090       ?            ?                   
RCSB  RCSB046259   ?            ?                   
WWPDB D_1000046259 ?            ?                   
# 
loop_
_pdbx_audit_revision_history.ordinal 
_pdbx_audit_revision_history.data_content_type 
_pdbx_audit_revision_history.major_revision 
_pdbx_audit_revision_history.minor_revision 
_pdbx_audit_revision_history.revision_date 
1 'Structure model' 1 0 2008-06-03 
2 'Structure model' 1 1 2011-07-13 
3 'Structure model' 1 2 2024-03-13 
# 
_pdbx_audit_revision_details.ordinal             1 
_pdbx_audit_revision_details.revision_ordinal    1 
_pdbx_audit_revision_details.data_content_type   'Structure model' 
_pdbx_audit_revision_details.provider            repository 
_pdbx_audit_revision_details.type                'Initial release' 
_pdbx_audit_revision_details.description         ? 
_pdbx_audit_revision_details.details             ? 
# 
loop_
_pdbx_audit_revision_group.ordinal 
_pdbx_audit_revision_group.revision_ordinal 
_pdbx_audit_revision_group.data_content_type 
_pdbx_audit_revision_group.group 
1 2 'Structure model' Advisory                    
2 2 'Structure model' 'Refinement description'    
3 2 'Structure model' 'Version format compliance' 
4 3 'Structure model' 'Data collection'           
5 3 'Structure model' 'Database references'       
6 3 'Structure model' 'Derived calculations'      
# 
loop_
_pdbx_audit_revision_category.ordinal 
_pdbx_audit_revision_category.revision_ordinal 
_pdbx_audit_revision_category.data_content_type 
_pdbx_audit_revision_category.category 
1 3 'Structure model' chem_comp_atom 
2 3 'Structure model' chem_comp_bond 
3 3 'Structure model' database_2     
4 3 'Structure model' struct_conn    
5 3 'Structure model' struct_site    
# 
loop_
_pdbx_audit_revision_item.ordinal 
_pdbx_audit_revision_item.revision_ordinal 
_pdbx_audit_revision_item.data_content_type 
_pdbx_audit_revision_item.item 
1 3 'Structure model' '_database_2.pdbx_DOI'                
2 3 'Structure model' '_database_2.pdbx_database_accession' 
3 3 'Structure model' '_struct_conn.pdbx_leaving_atom_flag' 
4 3 'Structure model' '_struct_site.pdbx_auth_asym_id'      
5 3 'Structure model' '_struct_site.pdbx_auth_comp_id'      
6 3 'Structure model' '_struct_site.pdbx_auth_seq_id'       
# 
_pdbx_database_status.entry_id                        3C2J 
_pdbx_database_status.deposit_site                    RCSB 
_pdbx_database_status.process_site                    PDBJ 
_pdbx_database_status.recvd_initial_deposition_date   2008-01-25 
_pdbx_database_status.status_code                     REL 
_pdbx_database_status.status_code_sf                  REL 
_pdbx_database_status.status_code_mr                  ? 
_pdbx_database_status.SG_entry                        ? 
_pdbx_database_status.pdb_format_compatible           Y 
_pdbx_database_status.status_code_cs                  ? 
_pdbx_database_status.status_code_nmr_data            ? 
_pdbx_database_status.methods_development_category    ? 
# 
loop_
_audit_author.name 
_audit_author.pdbx_ordinal 
'Pfoh, R.'        1 
'Sheldrick, G.M.' 2 
# 
_citation.id                        primary 
_citation.title                     'Crystal structure of trioxacarcin A covalently bound to DNA' 
_citation.journal_abbrev            'Nucleic Acids Res.' 
_citation.journal_volume            36 
_citation.page_first                3508 
_citation.page_last                 3514 
_citation.year                      2008 
_citation.journal_id_ASTM           NARHAD 
_citation.country                   UK 
_citation.journal_id_ISSN           0305-1048 
_citation.journal_id_CSD            0389 
_citation.book_publisher            ? 
_citation.pdbx_database_id_PubMed   18453630 
_citation.pdbx_database_id_DOI      10.1093/nar/gkn245 
# 
loop_
_citation_author.citation_id 
_citation_author.name 
_citation_author.ordinal 
_citation_author.identifier_ORCID 
primary 'Pfoh, R.'        1 ? 
primary 'Laatsch, H.'     2 ? 
primary 'Sheldrick, G.M.' 3 ? 
# 
loop_
_entity.id 
_entity.type 
_entity.src_method 
_entity.pdbx_description 
_entity.formula_weight 
_entity.pdbx_number_of_molecules 
_entity.pdbx_ec 
_entity.pdbx_mutation 
_entity.pdbx_fragment 
_entity.details 
1 polymer     syn 
;DNA (5'-D(*DAP*DAP*DCP*DCP*DGP*DGP*DTP*DT)-3')
;
2426.617 2  ? ? ? ? 
2 non-polymer syn 'Trioxacarcin A'                                 876.850  2  ? ? ? ? 
3 water       nat water                                            18.015   21 ? ? ? ? 
# 
_entity_poly.entity_id                      1 
_entity_poly.type                           polydeoxyribonucleotide 
_entity_poly.nstd_linkage                   no 
_entity_poly.nstd_monomer                   no 
_entity_poly.pdbx_seq_one_letter_code       '(DA)(DA)(DC)(DC)(DG)(DG)(DT)(DT)' 
_entity_poly.pdbx_seq_one_letter_code_can   AACCGGTT 
_entity_poly.pdbx_strand_id                 A,B 
_entity_poly.pdbx_target_identifier         ? 
# 
loop_
_pdbx_entity_nonpoly.entity_id 
_pdbx_entity_nonpoly.name 
_pdbx_entity_nonpoly.comp_id 
2 'Trioxacarcin A' GGT 
3 water            HOH 
# 
loop_
_entity_poly_seq.entity_id 
_entity_poly_seq.num 
_entity_poly_seq.mon_id 
_entity_poly_seq.hetero 
1 1 DA n 
1 2 DA n 
1 3 DC n 
1 4 DC n 
1 5 DG n 
1 6 DG n 
1 7 DT n 
1 8 DT n 
# 
_pdbx_entity_src_syn.entity_id              1 
_pdbx_entity_src_syn.pdbx_src_id            1 
_pdbx_entity_src_syn.pdbx_alt_source_flag   sample 
_pdbx_entity_src_syn.pdbx_beg_seq_num       ? 
_pdbx_entity_src_syn.pdbx_end_seq_num       ? 
_pdbx_entity_src_syn.organism_scientific    ? 
_pdbx_entity_src_syn.organism_common_name   ? 
_pdbx_entity_src_syn.ncbi_taxonomy_id       ? 
_pdbx_entity_src_syn.details                'CHEMICALLY SYNTHESIZED' 
# 
loop_
_chem_comp.id 
_chem_comp.type 
_chem_comp.mon_nstd_flag 
_chem_comp.name 
_chem_comp.pdbx_synonyms 
_chem_comp.formula 
_chem_comp.formula_weight 
DA  'DNA linking' y "2'-DEOXYADENOSINE-5'-MONOPHOSPHATE" ? 'C10 H14 N5 O6 P' 331.222 
DC  'DNA linking' y "2'-DEOXYCYTIDINE-5'-MONOPHOSPHATE"  ? 'C9 H14 N3 O7 P'  307.197 
DG  'DNA linking' y "2'-DEOXYGUANOSINE-5'-MONOPHOSPHATE" ? 'C10 H14 N5 O7 P' 347.221 
DT  'DNA linking' y "THYMIDINE-5'-MONOPHOSPHATE"         ? 'C10 H15 N2 O8 P' 322.208 
GGT non-polymer   . 'Trioxacarcin A'                     
;(1S,2R,3aS,4S,8S,10S,13aS)-13a-[(4-C-acetyl-2,6-dideoxy-alpha-L-xylo-hexopyranosyl)oxy]-2-(dimethoxymethyl)-10,12-dihydroxy-7-methoxy-5-methyl-11-oxo-3a,8,9,10,11,13a-hexahydro-4H-spiro[2,4-epoxyfuro[3,2-b]naphtho[2,3-h]chromene-1,2'-oxiran]-8-yl 4-O-acetyl-2,6-dideoxy-3-C-methyl-alpha-L-xylo-hexopyranoside
;
'C42 H52 O20'     876.850 
HOH non-polymer   . WATER                                ? 'H2 O'            18.015  
# 
loop_
_pdbx_poly_seq_scheme.asym_id 
_pdbx_poly_seq_scheme.entity_id 
_pdbx_poly_seq_scheme.seq_id 
_pdbx_poly_seq_scheme.mon_id 
_pdbx_poly_seq_scheme.ndb_seq_num 
_pdbx_poly_seq_scheme.pdb_seq_num 
_pdbx_poly_seq_scheme.auth_seq_num 
_pdbx_poly_seq_scheme.pdb_mon_id 
_pdbx_poly_seq_scheme.auth_mon_id 
_pdbx_poly_seq_scheme.pdb_strand_id 
_pdbx_poly_seq_scheme.pdb_ins_code 
_pdbx_poly_seq_scheme.hetero 
A 1 1 DA 1 1   1   DA A A . n 
A 1 2 DA 2 2   2   DA A A . n 
A 1 3 DC 3 3   3   DC C A . n 
A 1 4 DC 4 4   4   DC C A . n 
A 1 5 DG 5 5   5   DG G A . n 
A 1 6 DG 6 6   6   DG G A . n 
A 1 7 DT 7 7   7   DT T A . n 
A 1 8 DT 8 8   8   DT T A . n 
B 1 1 DA 1 101 101 DA A B . n 
B 1 2 DA 2 102 102 DA A B . n 
B 1 3 DC 3 103 103 DC C B . n 
B 1 4 DC 4 104 104 DC C B . n 
B 1 5 DG 5 105 105 DG G B . n 
B 1 6 DG 6 106 106 DG G B . n 
B 1 7 DT 7 107 107 DT T B . n 
B 1 8 DT 8 108 108 DT T B . n 
# 
loop_
_pdbx_nonpoly_scheme.asym_id 
_pdbx_nonpoly_scheme.entity_id 
_pdbx_nonpoly_scheme.mon_id 
_pdbx_nonpoly_scheme.ndb_seq_num 
_pdbx_nonpoly_scheme.pdb_seq_num 
_pdbx_nonpoly_scheme.auth_seq_num 
_pdbx_nonpoly_scheme.pdb_mon_id 
_pdbx_nonpoly_scheme.auth_mon_id 
_pdbx_nonpoly_scheme.pdb_strand_id 
_pdbx_nonpoly_scheme.pdb_ins_code 
C 2 GGT 1  9   9   GGT GT  A . 
D 2 GGT 1  109 109 GGT GT  B . 
E 3 HOH 1  201 201 HOH HOH A . 
E 3 HOH 2  202 202 HOH HOH A . 
E 3 HOH 3  203 203 HOH HOH A . 
E 3 HOH 4  205 205 HOH HOH A . 
E 3 HOH 5  206 206 HOH HOH A . 
E 3 HOH 6  207 207 HOH HOH A . 
E 3 HOH 7  208 208 HOH HOH A . 
E 3 HOH 8  212 212 HOH HOH A . 
E 3 HOH 9  213 213 HOH HOH A . 
E 3 HOH 10 214 214 HOH HOH A . 
E 3 HOH 11 215 215 HOH HOH A . 
E 3 HOH 12 216 216 HOH HOH A . 
E 3 HOH 13 218 218 HOH HOH A . 
E 3 HOH 14 219 219 HOH HOH A . 
E 3 HOH 15 220 220 HOH HOH A . 
F 3 HOH 1  204 204 HOH HOH B . 
F 3 HOH 2  209 209 HOH HOH B . 
F 3 HOH 3  210 210 HOH HOH B . 
F 3 HOH 4  211 211 HOH HOH B . 
F 3 HOH 5  217 217 HOH HOH B . 
F 3 HOH 6  221 221 HOH HOH B . 
# 
loop_
_software.name 
_software.version 
_software.date 
_software.type 
_software.contact_author 
_software.contact_author_email 
_software.classification 
_software.location 
_software.language 
_software.citation_id 
_software.pdbx_ordinal 
REFMAC      5.2.0019 ?                    program 'Murshudov, G.N.' ccp4@dl.ac.uk            refinement        
http://www.ccp4.ac.uk/main.html  Fortran_77 ? 1 
PDB_EXTRACT 3.004    'September 10, 2007' package PDB               sw-help@rcsb.rutgers.edu 'data extraction' 
http://pdb.rutgers.edu/software/ C++        ? 2 
MAR345dtb   .        ?                    ?       ?                 ?                        'data collection' ? ?          ? 3 
HKL-2000    .        ?                    ?       ?                 ?                        'data reduction'  ? ?          ? 4 
SADABS      .        ?                    ?       ?                 ?                        'data scaling'    ? ?          ? 5 
SHELXDE     .        ?                    ?       ?                 ?                        phasing           ? ?          ? 6 
# 
_cell.length_a           37.600 
_cell.length_b           37.600 
_cell.length_c           91.620 
_cell.angle_alpha        90.000 
_cell.angle_beta         90.000 
_cell.angle_gamma        90.000 
_cell.entry_id           3C2J 
_cell.pdbx_unique_axis   ? 
_cell.Z_PDB              16 
_cell.length_a_esd       ? 
_cell.length_b_esd       ? 
_cell.length_c_esd       ? 
_cell.angle_alpha_esd    ? 
_cell.angle_beta_esd     ? 
_cell.angle_gamma_esd    ? 
# 
_symmetry.space_group_name_H-M             'P 41 2 2' 
_symmetry.entry_id                         3C2J 
_symmetry.pdbx_full_space_group_name_H-M   ? 
_symmetry.Int_Tables_number                91 
_symmetry.cell_setting                     ? 
_symmetry.space_group_name_Hall            ? 
# 
_exptl.crystals_number   1 
_exptl.entry_id          3C2J 
_exptl.method            'X-RAY DIFFRACTION' 
# 
_exptl_crystal.id                    1 
_exptl_crystal.density_Matthews      2.5 
_exptl_crystal.density_meas          ? 
_exptl_crystal.density_percent_sol   50.47 
_exptl_crystal.description           ? 
_exptl_crystal.F_000                 ? 
_exptl_crystal.preparation           ? 
# 
_exptl_crystal_grow.crystal_id      1 
_exptl_crystal_grow.method          'hanging drop' 
_exptl_crystal_grow.pH              7.0 
_exptl_crystal_grow.temp            313 
_exptl_crystal_grow.pdbx_details    'tri-ammoniumcitrate, DMSO, pH 7.0, hanging drop, temperature 313K' 
_exptl_crystal_grow.temp_details    ? 
_exptl_crystal_grow.pdbx_pH_range   . 
# 
loop_
_exptl_crystal_grow_comp.crystal_id 
_exptl_crystal_grow_comp.id 
_exptl_crystal_grow_comp.sol_id 
_exptl_crystal_grow_comp.name 
_exptl_crystal_grow_comp.volume 
_exptl_crystal_grow_comp.conc 
_exptl_crystal_grow_comp.details 
1 1 1 tri-ammoniumcitrate ? ? ? 
1 2 1 DMSO                ? ? ? 
1 3 1 HOH                 ? ? ? 
1 4 2 tri-ammoniumcitrate ? ? ? 
1 5 2 DMSO                ? ? ? 
1 6 2 HOH                 ? ? ? 
# 
_diffrn.id                     1 
_diffrn.ambient_temp           100 
_diffrn.ambient_temp_details   ? 
_diffrn.crystal_id             1 
# 
_diffrn_detector.diffrn_id              1 
_diffrn_detector.detector               CCD 
_diffrn_detector.type                   'MAR CCD 165 mm' 
_diffrn_detector.pdbx_collection_date   2007-08-08 
_diffrn_detector.details                ? 
# 
_diffrn_radiation.diffrn_id                        1 
_diffrn_radiation.pdbx_diffrn_protocol             MAD 
_diffrn_radiation.monochromator                    'Si 111 double crystal' 
_diffrn_radiation.wavelength_id                    1 
_diffrn_radiation.pdbx_monochromatic_or_laue_m_l   M 
_diffrn_radiation.pdbx_scattering_type             x-ray 
# 
loop_
_diffrn_radiation_wavelength.id 
_diffrn_radiation_wavelength.wavelength 
_diffrn_radiation_wavelength.wt 
1 0.92039 1.0 
2 0.92032 1.0 
3 0.92047 1.0 
# 
_diffrn_source.diffrn_id                   1 
_diffrn_source.source                      SYNCHROTRON 
_diffrn_source.type                        'BESSY BEAMLINE 14.2' 
_diffrn_source.pdbx_wavelength_list        '0.92039, 0.92032, 0.92047' 
_diffrn_source.pdbx_wavelength             ? 
_diffrn_source.pdbx_synchrotron_site       BESSY 
_diffrn_source.pdbx_synchrotron_beamline   14.2 
# 
_reflns.entry_id                     3C2J 
_reflns.observed_criterion_sigma_F   1.0 
_reflns.observed_criterion_sigma_I   1.0 
_reflns.d_resolution_high            1.67 
_reflns.d_resolution_low             37.6 
_reflns.number_all                   8306 
_reflns.number_obs                   8225 
_reflns.percent_possible_obs         99.0 
_reflns.pdbx_Rmerge_I_obs            0.039 
_reflns.pdbx_Rsym_value              0.021 
_reflns.pdbx_netI_over_sigmaI        27.81 
_reflns.B_iso_Wilson_estimate        ? 
_reflns.pdbx_redundancy              12.5 
_reflns.R_free_details               ? 
_reflns.pdbx_chi_squared             ? 
_reflns.pdbx_scaling_rejects         ? 
_reflns.pdbx_ordinal                 1 
_reflns.pdbx_diffrn_id               1 
# 
_reflns_shell.d_res_high             1.67 
_reflns_shell.d_res_low              1.76 
_reflns_shell.percent_possible_obs   ? 
_reflns_shell.percent_possible_all   94.7 
_reflns_shell.Rmerge_I_obs           0.64 
_reflns_shell.meanI_over_sigI_obs    2.92 
_reflns_shell.pdbx_Rsym_value        0.35 
_reflns_shell.pdbx_redundancy        8.98 
_reflns_shell.number_unique_all      ? 
_reflns_shell.number_measured_all    ? 
_reflns_shell.number_measured_obs    ? 
_reflns_shell.number_unique_obs      ? 
_reflns_shell.pdbx_chi_squared       ? 
_reflns_shell.pdbx_ordinal           1 
_reflns_shell.pdbx_diffrn_id         1 
# 
_refine.entry_id                                 3C2J 
_refine.ls_d_res_high                            1.780 
_refine.ls_d_res_low                             25.53 
_refine.pdbx_ls_sigma_F                          0.00 
_refine.ls_percent_reflns_obs                    99.820 
_refine.ls_number_reflns_obs                     6802 
_refine.pdbx_ls_cross_valid_method               THROUGHOUT 
_refine.pdbx_R_Free_selection_details            RANDOM 
_refine.details                                  'HYDROGENS HAVE BEEN ADDED IN THE RIDING POSITIONS' 
_refine.ls_R_factor_obs                          0.222 
_refine.ls_R_factor_R_work                       0.220 
_refine.ls_R_factor_R_free                       0.265 
_refine.ls_percent_reflns_R_free                 4.600 
_refine.ls_number_reflns_R_free                  314 
_refine.B_iso_mean                               53.160 
_refine.aniso_B[1][1]                            -1.010 
_refine.aniso_B[2][2]                            -1.010 
_refine.aniso_B[3][3]                            2.020 
_refine.aniso_B[1][2]                            0.000 
_refine.aniso_B[1][3]                            0.000 
_refine.aniso_B[2][3]                            0.000 
_refine.correlation_coeff_Fo_to_Fc               0.965 
_refine.correlation_coeff_Fo_to_Fc_free          0.962 
_refine.pdbx_overall_ESU_R                       0.127 
_refine.pdbx_overall_ESU_R_Free                  0.128 
_refine.overall_SU_ML                            0.129 
_refine.overall_SU_B                             8.799 
_refine.solvent_model_details                    'BABINET MODEL WITH MASK' 
_refine.pdbx_solvent_vdw_probe_radii             1.200 
_refine.pdbx_solvent_ion_probe_radii             0.800 
_refine.pdbx_solvent_shrinkage_radii             0.800 
_refine.pdbx_method_to_determine_struct          MAD 
_refine.pdbx_stereochemistry_target_values       'MAXIMUM LIKELIHOOD' 
_refine.pdbx_ls_sigma_I                          ? 
_refine.ls_number_reflns_all                     ? 
_refine.ls_R_factor_all                          ? 
_refine.ls_redundancy_reflns_obs                 ? 
_refine.pdbx_data_cutoff_high_absF               ? 
_refine.pdbx_data_cutoff_low_absF                ? 
_refine.ls_number_parameters                     ? 
_refine.ls_number_restraints                     ? 
_refine.ls_R_factor_R_free_error                 ? 
_refine.ls_R_factor_R_free_error_details         ? 
_refine.pdbx_starting_model                      ? 
_refine.pdbx_stereochem_target_val_spec_case     ? 
_refine.solvent_model_param_bsol                 ? 
_refine.solvent_model_param_ksol                 ? 
_refine.occupancy_max                            ? 
_refine.occupancy_min                            ? 
_refine.pdbx_isotropic_thermal_model             ? 
_refine.overall_SU_R_Cruickshank_DPI             ? 
_refine.overall_SU_R_free                        ? 
_refine.pdbx_data_cutoff_high_rms_absF           ? 
_refine.ls_wR_factor_R_free                      ? 
_refine.ls_wR_factor_R_work                      ? 
_refine.overall_FOM_free_R_set                   ? 
_refine.overall_FOM_work_R_set                   ? 
_refine.pdbx_overall_phase_error                 ? 
_refine.pdbx_refine_id                           'X-RAY DIFFRACTION' 
_refine.pdbx_TLS_residual_ADP_flag               'LIKELY RESIDUAL' 
_refine.pdbx_diffrn_id                           1 
_refine.pdbx_overall_SU_R_free_Cruickshank_DPI   ? 
_refine.pdbx_overall_SU_R_Blow_DPI               ? 
_refine.pdbx_overall_SU_R_free_Blow_DPI          ? 
# 
_refine_hist.pdbx_refine_id                   'X-RAY DIFFRACTION' 
_refine_hist.cycle_id                         LAST 
_refine_hist.pdbx_number_atoms_protein        0 
_refine_hist.pdbx_number_atoms_nucleic_acid   322 
_refine_hist.pdbx_number_atoms_ligand         124 
_refine_hist.number_atoms_solvent             21 
_refine_hist.number_atoms_total               467 
_refine_hist.d_res_high                       1.780 
_refine_hist.d_res_low                        25.53 
# 
loop_
_refine_ls_restr.type 
_refine_ls_restr.number 
_refine_ls_restr.dev_ideal 
_refine_ls_restr.dev_ideal_target 
_refine_ls_restr.weight 
_refine_ls_restr.pdbx_refine_id 
_refine_ls_restr.pdbx_restraint_function 
r_bond_refined_d         500 0.016 0.021 ? 'X-RAY DIFFRACTION' ? 
r_bond_other_d           180 0.002 0.020 ? 'X-RAY DIFFRACTION' ? 
r_angle_refined_deg      780 2.490 3.000 ? 'X-RAY DIFFRACTION' ? 
r_angle_other_deg        468 1.566 3.000 ? 'X-RAY DIFFRACTION' ? 
r_chiral_restr           94  0.092 0.200 ? 'X-RAY DIFFRACTION' ? 
r_gen_planes_refined     226 0.025 0.020 ? 'X-RAY DIFFRACTION' ? 
r_gen_planes_other       34  0.001 0.020 ? 'X-RAY DIFFRACTION' ? 
r_nbd_refined            118 0.198 0.200 ? 'X-RAY DIFFRACTION' ? 
r_nbd_other              227 0.246 0.200 ? 'X-RAY DIFFRACTION' ? 
r_nbtor_refined          244 0.257 0.200 ? 'X-RAY DIFFRACTION' ? 
r_nbtor_other            112 0.121 0.200 ? 'X-RAY DIFFRACTION' ? 
r_xyhbond_nbd_refined    27  0.163 0.200 ? 'X-RAY DIFFRACTION' ? 
r_symmetry_vdw_refined   12  0.096 0.200 ? 'X-RAY DIFFRACTION' ? 
r_symmetry_vdw_other     14  0.304 0.200 ? 'X-RAY DIFFRACTION' ? 
r_symmetry_hbond_refined 2   0.091 0.200 ? 'X-RAY DIFFRACTION' ? 
r_scbond_it              774 2.039 3.000 ? 'X-RAY DIFFRACTION' ? 
r_scangle_it             780 3.030 4.500 ? 'X-RAY DIFFRACTION' ? 
# 
_refine_ls_shell.d_res_high                       1.780 
_refine_ls_shell.d_res_low                        1.826 
_refine_ls_shell.pdbx_total_number_of_bins_used   20 
_refine_ls_shell.percent_reflns_obs               100.000 
_refine_ls_shell.number_reflns_R_work             458 
_refine_ls_shell.R_factor_all                     ? 
_refine_ls_shell.R_factor_R_work                  0.355 
_refine_ls_shell.R_factor_R_free                  0.415 
_refine_ls_shell.percent_reflns_R_free            ? 
_refine_ls_shell.number_reflns_R_free             30 
_refine_ls_shell.R_factor_R_free_error            ? 
_refine_ls_shell.number_reflns_all                488 
_refine_ls_shell.number_reflns_obs                ? 
_refine_ls_shell.redundancy_reflns_obs            ? 
_refine_ls_shell.pdbx_refine_id                   'X-RAY DIFFRACTION' 
# 
_struct.entry_id                  3C2J 
_struct.title                     'Crystal structure analysis of trioxacarcin A covalently bound to d(AACCGGTT)' 
_struct.pdbx_model_details        ? 
_struct.pdbx_CASP_flag            ? 
_struct.pdbx_model_type_details   ? 
# 
_struct_keywords.entry_id        3C2J 
_struct_keywords.text            'DNA-drug complex, base flipping, B-DNA, DNA' 
_struct_keywords.pdbx_keywords   DNA 
# 
loop_
_struct_asym.id 
_struct_asym.pdbx_blank_PDB_chainid_flag 
_struct_asym.pdbx_modified 
_struct_asym.entity_id 
_struct_asym.details 
A N N 1 ? 
B N N 1 ? 
C N N 2 ? 
D N N 2 ? 
E N N 3 ? 
F N N 3 ? 
# 
_struct_ref.id                         1 
_struct_ref.db_name                    PDB 
_struct_ref.db_code                    3C2J 
_struct_ref.pdbx_db_accession          3C2J 
_struct_ref.entity_id                  1 
_struct_ref.pdbx_align_begin           ? 
_struct_ref.pdbx_seq_one_letter_code   AACCGGTT 
_struct_ref.pdbx_db_isoform            ? 
# 
loop_
_struct_ref_seq.align_id 
_struct_ref_seq.ref_id 
_struct_ref_seq.pdbx_PDB_id_code 
_struct_ref_seq.pdbx_strand_id 
_struct_ref_seq.seq_align_beg 
_struct_ref_seq.pdbx_seq_align_beg_ins_code 
_struct_ref_seq.seq_align_end 
_struct_ref_seq.pdbx_seq_align_end_ins_code 
_struct_ref_seq.pdbx_db_accession 
_struct_ref_seq.db_align_beg 
_struct_ref_seq.pdbx_db_align_beg_ins_code 
_struct_ref_seq.db_align_end 
_struct_ref_seq.pdbx_db_align_end_ins_code 
_struct_ref_seq.pdbx_auth_seq_align_beg 
_struct_ref_seq.pdbx_auth_seq_align_end 
1 1 3C2J A 1 ? 8 ? 3C2J 1   ? 8   ? 1   8   
2 1 3C2J B 1 ? 8 ? 3C2J 101 ? 108 ? 101 108 
# 
_pdbx_struct_assembly.id                   1 
_pdbx_struct_assembly.details              author_defined_assembly 
_pdbx_struct_assembly.method_details       ? 
_pdbx_struct_assembly.oligomeric_details   dimeric 
_pdbx_struct_assembly.oligomeric_count     2 
# 
_pdbx_struct_assembly_gen.assembly_id       1 
_pdbx_struct_assembly_gen.oper_expression   1 
_pdbx_struct_assembly_gen.asym_id_list      A,B,C,D,E,F 
# 
_pdbx_struct_oper_list.id                   1 
_pdbx_struct_oper_list.type                 'identity operation' 
_pdbx_struct_oper_list.name                 1_555 
_pdbx_struct_oper_list.symmetry_operation   x,y,z 
_pdbx_struct_oper_list.matrix[1][1]         1.0000000000 
_pdbx_struct_oper_list.matrix[1][2]         0.0000000000 
_pdbx_struct_oper_list.matrix[1][3]         0.0000000000 
_pdbx_struct_oper_list.vector[1]            0.0000000000 
_pdbx_struct_oper_list.matrix[2][1]         0.0000000000 
_pdbx_struct_oper_list.matrix[2][2]         1.0000000000 
_pdbx_struct_oper_list.matrix[2][3]         0.0000000000 
_pdbx_struct_oper_list.vector[2]            0.0000000000 
_pdbx_struct_oper_list.matrix[3][1]         0.0000000000 
_pdbx_struct_oper_list.matrix[3][2]         0.0000000000 
_pdbx_struct_oper_list.matrix[3][3]         1.0000000000 
_pdbx_struct_oper_list.vector[3]            0.0000000000 
# 
_struct_biol.id        1 
_struct_biol.details   ? 
# 
loop_
_struct_conn.id 
_struct_conn.conn_type_id 
_struct_conn.pdbx_leaving_atom_flag 
_struct_conn.pdbx_PDB_id 
_struct_conn.ptnr1_label_asym_id 
_struct_conn.ptnr1_label_comp_id 
_struct_conn.ptnr1_label_seq_id 
_struct_conn.ptnr1_label_atom_id 
_struct_conn.pdbx_ptnr1_label_alt_id 
_struct_conn.pdbx_ptnr1_PDB_ins_code 
_struct_conn.pdbx_ptnr1_standard_comp_id 
_struct_conn.ptnr1_symmetry 
_struct_conn.ptnr2_label_asym_id 
_struct_conn.ptnr2_label_comp_id 
_struct_conn.ptnr2_label_seq_id 
_struct_conn.ptnr2_label_atom_id 
_struct_conn.pdbx_ptnr2_label_alt_id 
_struct_conn.pdbx_ptnr2_PDB_ins_code 
_struct_conn.ptnr1_auth_asym_id 
_struct_conn.ptnr1_auth_comp_id 
_struct_conn.ptnr1_auth_seq_id 
_struct_conn.ptnr2_auth_asym_id 
_struct_conn.ptnr2_auth_comp_id 
_struct_conn.ptnr2_auth_seq_id 
_struct_conn.ptnr2_symmetry 
_struct_conn.pdbx_ptnr3_label_atom_id 
_struct_conn.pdbx_ptnr3_label_seq_id 
_struct_conn.pdbx_ptnr3_label_comp_id 
_struct_conn.pdbx_ptnr3_label_asym_id 
_struct_conn.pdbx_ptnr3_label_alt_id 
_struct_conn.pdbx_ptnr3_PDB_ins_code 
_struct_conn.details 
_struct_conn.pdbx_dist_value 
_struct_conn.pdbx_value_order 
_struct_conn.pdbx_role 
covale1  covale none ? A DG 6 N7 ? ? ? 1_555 C GGT . C17 ? ? A DG 6   A GGT 9   1_555 ? ? ? ? ? ? ?            1.447 ? ? 
covale2  covale none ? B DG 6 N7 ? ? ? 1_555 D GGT . C17 ? ? B DG 106 B GGT 109 1_555 ? ? ? ? ? ? ?            1.424 ? ? 
hydrog1  hydrog ?    ? A DA 2 N1 ? ? ? 1_555 B DT  8 N3  ? ? A DA 2   B DT  108 1_555 ? ? ? ? ? ? WATSON-CRICK ?     ? ? 
hydrog2  hydrog ?    ? A DA 2 N6 ? ? ? 1_555 B DT  8 O4  ? ? A DA 2   B DT  108 1_555 ? ? ? ? ? ? WATSON-CRICK ?     ? ? 
hydrog3  hydrog ?    ? A DC 3 N3 ? ? ? 1_555 B DG  6 N1  ? ? A DC 3   B DG  106 1_555 ? ? ? ? ? ? WATSON-CRICK ?     ? ? 
hydrog4  hydrog ?    ? A DC 3 N4 ? ? ? 1_555 B DG  6 O6  ? ? A DC 3   B DG  106 1_555 ? ? ? ? ? ? WATSON-CRICK ?     ? ? 
hydrog5  hydrog ?    ? A DC 3 O2 ? ? ? 1_555 B DG  6 N2  ? ? A DC 3   B DG  106 1_555 ? ? ? ? ? ? WATSON-CRICK ?     ? ? 
hydrog6  hydrog ?    ? A DC 4 N3 ? ? ? 1_555 B DG  5 N1  ? ? A DC 4   B DG  105 1_555 ? ? ? ? ? ? WATSON-CRICK ?     ? ? 
hydrog7  hydrog ?    ? A DC 4 N4 ? ? ? 1_555 B DG  5 O6  ? ? A DC 4   B DG  105 1_555 ? ? ? ? ? ? WATSON-CRICK ?     ? ? 
hydrog8  hydrog ?    ? A DC 4 O2 ? ? ? 1_555 B DG  5 N2  ? ? A DC 4   B DG  105 1_555 ? ? ? ? ? ? WATSON-CRICK ?     ? ? 
hydrog9  hydrog ?    ? A DG 5 N1 ? ? ? 1_555 B DC  4 N3  ? ? A DG 5   B DC  104 1_555 ? ? ? ? ? ? WATSON-CRICK ?     ? ? 
hydrog10 hydrog ?    ? A DG 5 N2 ? ? ? 1_555 B DC  4 O2  ? ? A DG 5   B DC  104 1_555 ? ? ? ? ? ? WATSON-CRICK ?     ? ? 
hydrog11 hydrog ?    ? A DG 5 O6 ? ? ? 1_555 B DC  4 N4  ? ? A DG 5   B DC  104 1_555 ? ? ? ? ? ? WATSON-CRICK ?     ? ? 
hydrog12 hydrog ?    ? A DG 6 N1 ? ? ? 1_555 B DC  3 N3  ? ? A DG 6   B DC  103 1_555 ? ? ? ? ? ? WATSON-CRICK ?     ? ? 
hydrog13 hydrog ?    ? A DG 6 N2 ? ? ? 1_555 B DC  3 O2  ? ? A DG 6   B DC  103 1_555 ? ? ? ? ? ? WATSON-CRICK ?     ? ? 
hydrog14 hydrog ?    ? A DG 6 O6 ? ? ? 1_555 B DC  3 N4  ? ? A DG 6   B DC  103 1_555 ? ? ? ? ? ? WATSON-CRICK ?     ? ? 
hydrog15 hydrog ?    ? A DT 8 N3 ? ? ? 1_555 B DA  2 N1  ? ? A DT 8   B DA  102 1_555 ? ? ? ? ? ? WATSON-CRICK ?     ? ? 
hydrog16 hydrog ?    ? A DT 8 O4 ? ? ? 1_555 B DA  2 N6  ? ? A DT 8   B DA  102 1_555 ? ? ? ? ? ? WATSON-CRICK ?     ? ? 
# 
loop_
_struct_conn_type.id 
_struct_conn_type.criteria 
_struct_conn_type.reference 
covale ? ? 
hydrog ? ? 
# 
loop_
_struct_site.id 
_struct_site.pdbx_evidence_code 
_struct_site.pdbx_auth_asym_id 
_struct_site.pdbx_auth_comp_id 
_struct_site.pdbx_auth_seq_id 
_struct_site.pdbx_auth_ins_code 
_struct_site.pdbx_num_residues 
_struct_site.details 
AC1 Software A GGT 9   ? 14 'BINDING SITE FOR RESIDUE GGT A 9'   
AC2 Software B GGT 109 ? 11 'BINDING SITE FOR RESIDUE GGT B 109' 
1   ?        ? ?   ?   ? ?  ?                                    
# 
loop_
_struct_site_gen.id 
_struct_site_gen.site_id 
_struct_site_gen.pdbx_num_res 
_struct_site_gen.label_comp_id 
_struct_site_gen.label_asym_id 
_struct_site_gen.label_seq_id 
_struct_site_gen.pdbx_auth_ins_code 
_struct_site_gen.auth_comp_id 
_struct_site_gen.auth_asym_id 
_struct_site_gen.auth_seq_id 
_struct_site_gen.label_atom_id 
_struct_site_gen.label_alt_id 
_struct_site_gen.symmetry 
_struct_site_gen.details 
1  AC1 14 DA  A 1 ? DA  A 1   . ? 4_574 ? 
2  AC1 14 DG  A 5 ? DG  A 5   . ? 1_555 ? 
3  AC1 14 DG  A 6 ? DG  A 6   . ? 1_555 ? 
4  AC1 14 DT  A 7 ? DT  A 7   . ? 1_555 ? 
5  AC1 14 DT  A 8 ? DT  A 8   . ? 1_555 ? 
6  AC1 14 HOH E . ? HOH A 201 . ? 1_555 ? 
7  AC1 14 HOH E . ? HOH A 202 . ? 1_555 ? 
8  AC1 14 HOH E . ? HOH A 208 . ? 1_555 ? 
9  AC1 14 HOH E . ? HOH A 215 . ? 1_555 ? 
10 AC1 14 DA  B 1 ? DA  B 101 . ? 1_555 ? 
11 AC1 14 DA  B 2 ? DA  B 102 . ? 1_555 ? 
12 AC1 14 DC  B 3 ? DC  B 103 . ? 1_555 ? 
13 AC1 14 DC  B 4 ? DC  B 104 . ? 1_555 ? 
14 AC1 14 HOH F . ? HOH B 217 . ? 1_555 ? 
15 AC2 11 DA  A 1 ? DA  A 1   . ? 6_565 ? 
16 AC2 11 DA  A 2 ? DA  A 2   . ? 1_555 ? 
17 AC2 11 DC  A 3 ? DC  A 3   . ? 1_555 ? 
18 AC2 11 DC  A 4 ? DC  A 4   . ? 1_555 ? 
19 AC2 11 HOH E . ? HOH A 213 . ? 8_765 ? 
20 AC2 11 DG  B 5 ? DG  B 105 . ? 1_555 ? 
21 AC2 11 DG  B 6 ? DG  B 106 . ? 1_555 ? 
22 AC2 11 DT  B 7 ? DT  B 107 . ? 1_555 ? 
23 AC2 11 DT  B 8 ? DT  B 108 . ? 1_555 ? 
24 AC2 11 HOH F . ? HOH B 210 . ? 1_555 ? 
25 AC2 11 HOH F . ? HOH B 211 . ? 1_555 ? 
# 
loop_
_pdbx_validate_rmsd_bond.id 
_pdbx_validate_rmsd_bond.PDB_model_num 
_pdbx_validate_rmsd_bond.auth_atom_id_1 
_pdbx_validate_rmsd_bond.auth_asym_id_1 
_pdbx_validate_rmsd_bond.auth_comp_id_1 
_pdbx_validate_rmsd_bond.auth_seq_id_1 
_pdbx_validate_rmsd_bond.PDB_ins_code_1 
_pdbx_validate_rmsd_bond.label_alt_id_1 
_pdbx_validate_rmsd_bond.auth_atom_id_2 
_pdbx_validate_rmsd_bond.auth_asym_id_2 
_pdbx_validate_rmsd_bond.auth_comp_id_2 
_pdbx_validate_rmsd_bond.auth_seq_id_2 
_pdbx_validate_rmsd_bond.PDB_ins_code_2 
_pdbx_validate_rmsd_bond.label_alt_id_2 
_pdbx_validate_rmsd_bond.bond_value 
_pdbx_validate_rmsd_bond.bond_target_value 
_pdbx_validate_rmsd_bond.bond_deviation 
_pdbx_validate_rmsd_bond.bond_standard_deviation 
_pdbx_validate_rmsd_bond.linker_flag 
1 1 N3    A DA 1   ? ? C4    A DA 1   ? ? 1.394 1.344 0.050  0.006 N 
2 1 "O3'" B DG 106 ? ? "C3'" B DG 106 ? ? 1.376 1.419 -0.043 0.006 N 
# 
loop_
_pdbx_validate_rmsd_angle.id 
_pdbx_validate_rmsd_angle.PDB_model_num 
_pdbx_validate_rmsd_angle.auth_atom_id_1 
_pdbx_validate_rmsd_angle.auth_asym_id_1 
_pdbx_validate_rmsd_angle.auth_comp_id_1 
_pdbx_validate_rmsd_angle.auth_seq_id_1 
_pdbx_validate_rmsd_angle.PDB_ins_code_1 
_pdbx_validate_rmsd_angle.label_alt_id_1 
_pdbx_validate_rmsd_angle.auth_atom_id_2 
_pdbx_validate_rmsd_angle.auth_asym_id_2 
_pdbx_validate_rmsd_angle.auth_comp_id_2 
_pdbx_validate_rmsd_angle.auth_seq_id_2 
_pdbx_validate_rmsd_angle.PDB_ins_code_2 
_pdbx_validate_rmsd_angle.label_alt_id_2 
_pdbx_validate_rmsd_angle.auth_atom_id_3 
_pdbx_validate_rmsd_angle.auth_asym_id_3 
_pdbx_validate_rmsd_angle.auth_comp_id_3 
_pdbx_validate_rmsd_angle.auth_seq_id_3 
_pdbx_validate_rmsd_angle.PDB_ins_code_3 
_pdbx_validate_rmsd_angle.label_alt_id_3 
_pdbx_validate_rmsd_angle.angle_value 
_pdbx_validate_rmsd_angle.angle_target_value 
_pdbx_validate_rmsd_angle.angle_deviation 
_pdbx_validate_rmsd_angle.angle_standard_deviation 
_pdbx_validate_rmsd_angle.linker_flag 
1  1 N1    A DA 1   ? ? C2    A DA 1   ? ? N3    A DA 1   ? ? 133.00 129.30 3.70   0.50 N 
2  1 C2    A DA 1   ? ? N3    A DA 1   ? ? C4    A DA 1   ? ? 105.39 110.60 -5.21  0.50 N 
3  1 C5    A DA 1   ? ? N7    A DA 1   ? ? C8    A DA 1   ? ? 100.63 103.90 -3.27  0.50 N 
4  1 N1    A DA 2   ? ? C6    A DA 2   ? ? N6    A DA 2   ? ? 122.40 118.60 3.80   0.60 N 
5  1 N1    A DC 3   ? ? C2    A DC 3   ? ? O2    A DC 3   ? ? 122.72 118.90 3.82   0.60 N 
6  1 C2    A DC 4   ? ? N3    A DC 4   ? ? C4    A DC 4   ? ? 123.25 119.90 3.35   0.50 N 
7  1 N1    A DC 4   ? ? C2    A DC 4   ? ? O2    A DC 4   ? ? 123.10 118.90 4.20   0.60 N 
8  1 "O5'" A DG 5   ? ? P     A DG 5   ? ? OP2   A DG 5   ? ? 99.60  105.70 -6.10  0.90 N 
9  1 "O4'" A DG 5   ? ? "C1'" A DG 5   ? ? N9    A DG 5   ? ? 102.86 108.00 -5.14  0.70 N 
10 1 "O4'" A DG 6   ? ? "C1'" A DG 6   ? ? N9    A DG 6   ? ? 99.95  108.00 -8.05  0.70 N 
11 1 C2    A DG 6   ? ? N3    A DG 6   ? ? C4    A DG 6   ? ? 108.77 111.90 -3.13  0.50 N 
12 1 "O4'" B DA 101 ? ? "C4'" B DA 101 ? ? "C3'" B DA 101 ? ? 101.87 104.50 -2.63  0.40 N 
13 1 "C1'" B DA 101 ? ? "O4'" B DA 101 ? ? "C4'" B DA 101 ? ? 99.73  110.10 -10.37 1.00 N 
14 1 "O4'" B DA 101 ? ? "C1'" B DA 101 ? ? N9    B DA 101 ? ? 113.77 108.30 5.47   0.30 N 
15 1 "O4'" B DA 102 ? ? "C1'" B DA 102 ? ? N9    B DA 102 ? ? 110.19 108.30 1.89   0.30 N 
16 1 C5    B DA 102 ? ? C6    B DA 102 ? ? N1    B DA 102 ? ? 114.15 117.70 -3.55  0.50 N 
17 1 "C3'" B DC 103 ? ? "C2'" B DC 103 ? ? "C1'" B DC 103 ? ? 97.34  102.40 -5.06  0.80 N 
18 1 C2    B DG 105 ? ? N3    B DG 105 ? ? C4    B DG 105 ? ? 108.58 111.90 -3.32  0.50 N 
19 1 "O4'" B DG 106 ? ? "C1'" B DG 106 ? ? N9    B DG 106 ? ? 101.38 108.00 -6.62  0.70 N 
# 
_struct_site_keywords.site_id   1 
_struct_site_keywords.text      bis-intercalation 
# 
_pdbx_refine_tls.pdbx_refine_id   'X-RAY DIFFRACTION' 
_pdbx_refine_tls.id               1 
_pdbx_refine_tls.details          ? 
_pdbx_refine_tls.method           refined 
_pdbx_refine_tls.origin_x         -0.4583 
_pdbx_refine_tls.origin_y         0.7248 
_pdbx_refine_tls.origin_z         0.0984 
_pdbx_refine_tls.T[1][1]          0.1322 
_pdbx_refine_tls.T[2][2]          -0.0283 
_pdbx_refine_tls.T[3][3]          0.0234 
_pdbx_refine_tls.T[1][2]          -0.0010 
_pdbx_refine_tls.T[1][3]          -0.0068 
_pdbx_refine_tls.T[2][3]          0.0138 
_pdbx_refine_tls.L[1][1]          2.3459 
_pdbx_refine_tls.L[2][2]          9.5896 
_pdbx_refine_tls.L[3][3]          5.6424 
_pdbx_refine_tls.L[1][2]          -3.9647 
_pdbx_refine_tls.L[1][3]          2.6648 
_pdbx_refine_tls.L[2][3]          -7.2525 
_pdbx_refine_tls.S[1][1]          0.0453 
_pdbx_refine_tls.S[2][2]          0.0837 
_pdbx_refine_tls.S[3][3]          -0.1290 
_pdbx_refine_tls.S[1][2]          -0.0387 
_pdbx_refine_tls.S[1][3]          0.0202 
_pdbx_refine_tls.S[2][3]          0.0208 
_pdbx_refine_tls.S[2][1]          -0.0990 
_pdbx_refine_tls.S[3][1]          0.0509 
_pdbx_refine_tls.S[3][2]          -0.1118 
# 
loop_
_pdbx_refine_tls_group.pdbx_refine_id 
_pdbx_refine_tls_group.id 
_pdbx_refine_tls_group.refine_tls_id 
_pdbx_refine_tls_group.beg_auth_asym_id 
_pdbx_refine_tls_group.beg_auth_seq_id 
_pdbx_refine_tls_group.end_auth_asym_id 
_pdbx_refine_tls_group.end_auth_seq_id 
_pdbx_refine_tls_group.selection_details 
_pdbx_refine_tls_group.beg_label_asym_id 
_pdbx_refine_tls_group.beg_label_seq_id 
_pdbx_refine_tls_group.end_label_asym_id 
_pdbx_refine_tls_group.end_label_seq_id 
_pdbx_refine_tls_group.selection 
'X-RAY DIFFRACTION' 1 1 A 1   A 8   ? . . . . ? 
'X-RAY DIFFRACTION' 2 1 B 102 B 108 ? . . . . ? 
# 
loop_
_chem_comp_atom.comp_id 
_chem_comp_atom.atom_id 
_chem_comp_atom.type_symbol 
_chem_comp_atom.pdbx_aromatic_flag 
_chem_comp_atom.pdbx_stereo_config 
_chem_comp_atom.pdbx_ordinal 
DA  OP3    O N N 1   
DA  P      P N N 2   
DA  OP1    O N N 3   
DA  OP2    O N N 4   
DA  "O5'"  O N N 5   
DA  "C5'"  C N N 6   
DA  "C4'"  C N R 7   
DA  "O4'"  O N N 8   
DA  "C3'"  C N S 9   
DA  "O3'"  O N N 10  
DA  "C2'"  C N N 11  
DA  "C1'"  C N R 12  
DA  N9     N Y N 13  
DA  C8     C Y N 14  
DA  N7     N Y N 15  
DA  C5     C Y N 16  
DA  C6     C Y N 17  
DA  N6     N N N 18  
DA  N1     N Y N 19  
DA  C2     C Y N 20  
DA  N3     N Y N 21  
DA  C4     C Y N 22  
DA  HOP3   H N N 23  
DA  HOP2   H N N 24  
DA  "H5'"  H N N 25  
DA  "H5''" H N N 26  
DA  "H4'"  H N N 27  
DA  "H3'"  H N N 28  
DA  "HO3'" H N N 29  
DA  "H2'"  H N N 30  
DA  "H2''" H N N 31  
DA  "H1'"  H N N 32  
DA  H8     H N N 33  
DA  H61    H N N 34  
DA  H62    H N N 35  
DA  H2     H N N 36  
DC  OP3    O N N 37  
DC  P      P N N 38  
DC  OP1    O N N 39  
DC  OP2    O N N 40  
DC  "O5'"  O N N 41  
DC  "C5'"  C N N 42  
DC  "C4'"  C N R 43  
DC  "O4'"  O N N 44  
DC  "C3'"  C N S 45  
DC  "O3'"  O N N 46  
DC  "C2'"  C N N 47  
DC  "C1'"  C N R 48  
DC  N1     N N N 49  
DC  C2     C N N 50  
DC  O2     O N N 51  
DC  N3     N N N 52  
DC  C4     C N N 53  
DC  N4     N N N 54  
DC  C5     C N N 55  
DC  C6     C N N 56  
DC  HOP3   H N N 57  
DC  HOP2   H N N 58  
DC  "H5'"  H N N 59  
DC  "H5''" H N N 60  
DC  "H4'"  H N N 61  
DC  "H3'"  H N N 62  
DC  "HO3'" H N N 63  
DC  "H2'"  H N N 64  
DC  "H2''" H N N 65  
DC  "H1'"  H N N 66  
DC  H41    H N N 67  
DC  H42    H N N 68  
DC  H5     H N N 69  
DC  H6     H N N 70  
DG  OP3    O N N 71  
DG  P      P N N 72  
DG  OP1    O N N 73  
DG  OP2    O N N 74  
DG  "O5'"  O N N 75  
DG  "C5'"  C N N 76  
DG  "C4'"  C N R 77  
DG  "O4'"  O N N 78  
DG  "C3'"  C N S 79  
DG  "O3'"  O N N 80  
DG  "C2'"  C N N 81  
DG  "C1'"  C N R 82  
DG  N9     N Y N 83  
DG  C8     C Y N 84  
DG  N7     N Y N 85  
DG  C5     C Y N 86  
DG  C6     C N N 87  
DG  O6     O N N 88  
DG  N1     N N N 89  
DG  C2     C N N 90  
DG  N2     N N N 91  
DG  N3     N N N 92  
DG  C4     C Y N 93  
DG  HOP3   H N N 94  
DG  HOP2   H N N 95  
DG  "H5'"  H N N 96  
DG  "H5''" H N N 97  
DG  "H4'"  H N N 98  
DG  "H3'"  H N N 99  
DG  "HO3'" H N N 100 
DG  "H2'"  H N N 101 
DG  "H2''" H N N 102 
DG  "H1'"  H N N 103 
DG  H8     H N N 104 
DG  H1     H N N 105 
DG  H21    H N N 106 
DG  H22    H N N 107 
DT  OP3    O N N 108 
DT  P      P N N 109 
DT  OP1    O N N 110 
DT  OP2    O N N 111 
DT  "O5'"  O N N 112 
DT  "C5'"  C N N 113 
DT  "C4'"  C N R 114 
DT  "O4'"  O N N 115 
DT  "C3'"  C N S 116 
DT  "O3'"  O N N 117 
DT  "C2'"  C N N 118 
DT  "C1'"  C N R 119 
DT  N1     N N N 120 
DT  C2     C N N 121 
DT  O2     O N N 122 
DT  N3     N N N 123 
DT  C4     C N N 124 
DT  O4     O N N 125 
DT  C5     C N N 126 
DT  C7     C N N 127 
DT  C6     C N N 128 
DT  HOP3   H N N 129 
DT  HOP2   H N N 130 
DT  "H5'"  H N N 131 
DT  "H5''" H N N 132 
DT  "H4'"  H N N 133 
DT  "H3'"  H N N 134 
DT  "HO3'" H N N 135 
DT  "H2'"  H N N 136 
DT  "H2''" H N N 137 
DT  "H1'"  H N N 138 
DT  H3     H N N 139 
DT  H71    H N N 140 
DT  H72    H N N 141 
DT  H73    H N N 142 
DT  H6     H N N 143 
GGT O44    O N N 144 
GGT C48    C N N 145 
GGT C47    C N N 146 
GGT C44    C N S 147 
GGT O43    O N N 148 
GGT C43    C N R 149 
GGT O42    O N N 150 
GGT C42    C N N 151 
GGT C45    C N S 152 
GGT C46    C N N 153 
GGT O41    O N N 154 
GGT C41    C N S 155 
GGT O11    O N N 156 
GGT C13    C N S 157 
GGT C14    C N S 158 
GGT C17    C N N 159 
GGT O12    O N N 160 
GGT C15    C N R 161 
GGT O8     O N N 162 
GGT C12    C N S 163 
GGT C16    C N N 164 
GGT O9     O N N 165 
GGT C33    C N N 166 
GGT O10    O N N 167 
GGT C32    C N N 168 
GGT O7     O N N 169 
GGT C11    C N S 170 
GGT C7     C Y N 171 
GGT C6     C Y N 172 
GGT C31    C N N 173 
GGT O6     O N N 174 
GGT C8     C Y N 175 
GGT C25    C Y N 176 
GGT C26    C Y N 177 
GGT C5     C Y N 178 
GGT C10    C Y N 179 
GGT O4     O N N 180 
GGT C30    C N N 181 
GGT C28    C Y N 182 
GGT C27    C Y N 183 
GGT C9     C Y N 184 
GGT O5     O N N 185 
GGT C4     C N S 186 
GGT C3     C N N 187 
GGT C2     C N S 188 
GGT O2     O N N 189 
GGT C1     C N N 190 
GGT O3     O N N 191 
GGT O1     O N N 192 
GGT "C1'"  C N R 193 
GGT "O1'"  O N N 194 
GGT "C5'"  C N S 195 
GGT "C9'"  C N N 196 
GGT "C4'"  C N R 197 
GGT "C3'"  C N R 198 
GGT "O2'"  O N N 199 
GGT "C8'"  C N N 200 
GGT "C2'"  C N N 201 
GGT "O3'"  O N N 202 
GGT "C6'"  C N N 203 
GGT "O4'"  O N N 204 
GGT "C7'"  C N N 205 
GGT H47    H N N 206 
GGT H47A   H N N 207 
GGT H47B   H N N 208 
GGT HO43   H N N 209 
GGT H43    H N N 210 
GGT HO42   H N N 211 
GGT H42    H N N 212 
GGT H42A   H N N 213 
GGT H45    H N N 214 
GGT H46    H N N 215 
GGT H46A   H N N 216 
GGT H46B   H N N 217 
GGT H41    H N N 218 
GGT H17    H N N 219 
GGT H17A   H N N 220 
GGT H12    H N N 221 
GGT H16    H N N 222 
GGT H33    H N N 223 
GGT H33A   H N N 224 
GGT H33B   H N N 225 
GGT H32    H N N 226 
GGT H32A   H N N 227 
GGT H32B   H N N 228 
GGT H11    H N N 229 
GGT H31    H N N 230 
GGT H31A   H N N 231 
GGT H31B   H N N 232 
GGT H5     H N N 233 
GGT H30    H N N 234 
GGT H30A   H N N 235 
GGT H30B   H N N 236 
GGT HO5    H N N 237 
GGT H4     H N N 238 
GGT H3     H N N 239 
GGT H3A    H N N 240 
GGT H2     H N N 241 
GGT HO2    H N N 242 
GGT "H1'"  H N N 243 
GGT "H5'"  H N N 244 
GGT "H9'"  H N N 245 
GGT "H9'A" H N N 246 
GGT "H9'B" H N N 247 
GGT "H4'"  H N N 248 
GGT "HO2'" H N N 249 
GGT "H8'"  H N N 250 
GGT "H8'A" H N N 251 
GGT "H8'B" H N N 252 
GGT "H2'"  H N N 253 
GGT "H2'A" H N N 254 
GGT "H7'"  H N N 255 
GGT "H7'A" H N N 256 
GGT "H7'B" H N N 257 
HOH O      O N N 258 
HOH H1     H N N 259 
HOH H2     H N N 260 
# 
loop_
_chem_comp_bond.comp_id 
_chem_comp_bond.atom_id_1 
_chem_comp_bond.atom_id_2 
_chem_comp_bond.value_order 
_chem_comp_bond.pdbx_aromatic_flag 
_chem_comp_bond.pdbx_stereo_config 
_chem_comp_bond.pdbx_ordinal 
DA  OP3   P      sing N N 1   
DA  OP3   HOP3   sing N N 2   
DA  P     OP1    doub N N 3   
DA  P     OP2    sing N N 4   
DA  P     "O5'"  sing N N 5   
DA  OP2   HOP2   sing N N 6   
DA  "O5'" "C5'"  sing N N 7   
DA  "C5'" "C4'"  sing N N 8   
DA  "C5'" "H5'"  sing N N 9   
DA  "C5'" "H5''" sing N N 10  
DA  "C4'" "O4'"  sing N N 11  
DA  "C4'" "C3'"  sing N N 12  
DA  "C4'" "H4'"  sing N N 13  
DA  "O4'" "C1'"  sing N N 14  
DA  "C3'" "O3'"  sing N N 15  
DA  "C3'" "C2'"  sing N N 16  
DA  "C3'" "H3'"  sing N N 17  
DA  "O3'" "HO3'" sing N N 18  
DA  "C2'" "C1'"  sing N N 19  
DA  "C2'" "H2'"  sing N N 20  
DA  "C2'" "H2''" sing N N 21  
DA  "C1'" N9     sing N N 22  
DA  "C1'" "H1'"  sing N N 23  
DA  N9    C8     sing Y N 24  
DA  N9    C4     sing Y N 25  
DA  C8    N7     doub Y N 26  
DA  C8    H8     sing N N 27  
DA  N7    C5     sing Y N 28  
DA  C5    C6     sing Y N 29  
DA  C5    C4     doub Y N 30  
DA  C6    N6     sing N N 31  
DA  C6    N1     doub Y N 32  
DA  N6    H61    sing N N 33  
DA  N6    H62    sing N N 34  
DA  N1    C2     sing Y N 35  
DA  C2    N3     doub Y N 36  
DA  C2    H2     sing N N 37  
DA  N3    C4     sing Y N 38  
DC  OP3   P      sing N N 39  
DC  OP3   HOP3   sing N N 40  
DC  P     OP1    doub N N 41  
DC  P     OP2    sing N N 42  
DC  P     "O5'"  sing N N 43  
DC  OP2   HOP2   sing N N 44  
DC  "O5'" "C5'"  sing N N 45  
DC  "C5'" "C4'"  sing N N 46  
DC  "C5'" "H5'"  sing N N 47  
DC  "C5'" "H5''" sing N N 48  
DC  "C4'" "O4'"  sing N N 49  
DC  "C4'" "C3'"  sing N N 50  
DC  "C4'" "H4'"  sing N N 51  
DC  "O4'" "C1'"  sing N N 52  
DC  "C3'" "O3'"  sing N N 53  
DC  "C3'" "C2'"  sing N N 54  
DC  "C3'" "H3'"  sing N N 55  
DC  "O3'" "HO3'" sing N N 56  
DC  "C2'" "C1'"  sing N N 57  
DC  "C2'" "H2'"  sing N N 58  
DC  "C2'" "H2''" sing N N 59  
DC  "C1'" N1     sing N N 60  
DC  "C1'" "H1'"  sing N N 61  
DC  N1    C2     sing N N 62  
DC  N1    C6     sing N N 63  
DC  C2    O2     doub N N 64  
DC  C2    N3     sing N N 65  
DC  N3    C4     doub N N 66  
DC  C4    N4     sing N N 67  
DC  C4    C5     sing N N 68  
DC  N4    H41    sing N N 69  
DC  N4    H42    sing N N 70  
DC  C5    C6     doub N N 71  
DC  C5    H5     sing N N 72  
DC  C6    H6     sing N N 73  
DG  OP3   P      sing N N 74  
DG  OP3   HOP3   sing N N 75  
DG  P     OP1    doub N N 76  
DG  P     OP2    sing N N 77  
DG  P     "O5'"  sing N N 78  
DG  OP2   HOP2   sing N N 79  
DG  "O5'" "C5'"  sing N N 80  
DG  "C5'" "C4'"  sing N N 81  
DG  "C5'" "H5'"  sing N N 82  
DG  "C5'" "H5''" sing N N 83  
DG  "C4'" "O4'"  sing N N 84  
DG  "C4'" "C3'"  sing N N 85  
DG  "C4'" "H4'"  sing N N 86  
DG  "O4'" "C1'"  sing N N 87  
DG  "C3'" "O3'"  sing N N 88  
DG  "C3'" "C2'"  sing N N 89  
DG  "C3'" "H3'"  sing N N 90  
DG  "O3'" "HO3'" sing N N 91  
DG  "C2'" "C1'"  sing N N 92  
DG  "C2'" "H2'"  sing N N 93  
DG  "C2'" "H2''" sing N N 94  
DG  "C1'" N9     sing N N 95  
DG  "C1'" "H1'"  sing N N 96  
DG  N9    C8     sing Y N 97  
DG  N9    C4     sing Y N 98  
DG  C8    N7     doub Y N 99  
DG  C8    H8     sing N N 100 
DG  N7    C5     sing Y N 101 
DG  C5    C6     sing N N 102 
DG  C5    C4     doub Y N 103 
DG  C6    O6     doub N N 104 
DG  C6    N1     sing N N 105 
DG  N1    C2     sing N N 106 
DG  N1    H1     sing N N 107 
DG  C2    N2     sing N N 108 
DG  C2    N3     doub N N 109 
DG  N2    H21    sing N N 110 
DG  N2    H22    sing N N 111 
DG  N3    C4     sing N N 112 
DT  OP3   P      sing N N 113 
DT  OP3   HOP3   sing N N 114 
DT  P     OP1    doub N N 115 
DT  P     OP2    sing N N 116 
DT  P     "O5'"  sing N N 117 
DT  OP2   HOP2   sing N N 118 
DT  "O5'" "C5'"  sing N N 119 
DT  "C5'" "C4'"  sing N N 120 
DT  "C5'" "H5'"  sing N N 121 
DT  "C5'" "H5''" sing N N 122 
DT  "C4'" "O4'"  sing N N 123 
DT  "C4'" "C3'"  sing N N 124 
DT  "C4'" "H4'"  sing N N 125 
DT  "O4'" "C1'"  sing N N 126 
DT  "C3'" "O3'"  sing N N 127 
DT  "C3'" "C2'"  sing N N 128 
DT  "C3'" "H3'"  sing N N 129 
DT  "O3'" "HO3'" sing N N 130 
DT  "C2'" "C1'"  sing N N 131 
DT  "C2'" "H2'"  sing N N 132 
DT  "C2'" "H2''" sing N N 133 
DT  "C1'" N1     sing N N 134 
DT  "C1'" "H1'"  sing N N 135 
DT  N1    C2     sing N N 136 
DT  N1    C6     sing N N 137 
DT  C2    O2     doub N N 138 
DT  C2    N3     sing N N 139 
DT  N3    C4     sing N N 140 
DT  N3    H3     sing N N 141 
DT  C4    O4     doub N N 142 
DT  C4    C5     sing N N 143 
DT  C5    C7     sing N N 144 
DT  C5    C6     doub N N 145 
DT  C7    H71    sing N N 146 
DT  C7    H72    sing N N 147 
DT  C7    H73    sing N N 148 
DT  C6    H6     sing N N 149 
GGT O44   C48    doub N N 150 
GGT C48   C47    sing N N 151 
GGT C48   C44    sing N N 152 
GGT C44   O43    sing N N 153 
GGT C44   C43    sing N N 154 
GGT C44   C45    sing N N 155 
GGT C43   O42    sing N N 156 
GGT C43   C42    sing N N 157 
GGT C42   C41    sing N N 158 
GGT C45   C46    sing N N 159 
GGT C45   O41    sing N N 160 
GGT O41   C41    sing N N 161 
GGT C41   O11    sing N N 162 
GGT O11   C13    sing N N 163 
GGT C13   C14    sing N N 164 
GGT C13   C12    sing N N 165 
GGT C13   O6     sing N N 166 
GGT C14   C17    sing N N 167 
GGT C14   O12    sing N N 168 
GGT C14   C15    sing N N 169 
GGT C15   O8     sing N N 170 
GGT C15   C16    sing N N 171 
GGT C15   O7     sing N N 172 
GGT O8    C12    sing N N 173 
GGT C12   C11    sing N N 174 
GGT C16   O9     sing N N 175 
GGT C16   O10    sing N N 176 
GGT O9    C33    sing N N 177 
GGT O10   C32    sing N N 178 
GGT O7    C11    sing N N 179 
GGT C11   C7     sing N N 180 
GGT C7    C6     doub Y N 181 
GGT C7    C8     sing Y N 182 
GGT C6    C31    sing N N 183 
GGT C6    C5     sing Y N 184 
GGT O6    C8     sing N N 185 
GGT C8    C25    doub Y N 186 
GGT C25   C26    sing Y N 187 
GGT C25   C9     sing Y N 188 
GGT C26   C5     doub Y N 189 
GGT C26   C10    sing Y N 190 
GGT C10   O4     sing N N 191 
GGT C10   C28    doub Y N 192 
GGT O4    C30    sing N N 193 
GGT C28   C27    sing Y N 194 
GGT C28   C4     sing N N 195 
GGT C27   C9     doub Y N 196 
GGT C27   C1     sing N N 197 
GGT C9    O5     sing N N 198 
GGT C4    C3     sing N N 199 
GGT C4    O1     sing N N 200 
GGT C3    C2     sing N N 201 
GGT C2    O2     sing N N 202 
GGT C2    C1     sing N N 203 
GGT C1    O3     doub N N 204 
GGT O1    "C1'"  sing N N 205 
GGT "C1'" "O1'"  sing N N 206 
GGT "C1'" "C2'"  sing N N 207 
GGT "O1'" "C5'"  sing N N 208 
GGT "C5'" "C9'"  sing N N 209 
GGT "C5'" "C4'"  sing N N 210 
GGT "C4'" "C3'"  sing N N 211 
GGT "C4'" "O3'"  sing N N 212 
GGT "C3'" "O2'"  sing N N 213 
GGT "C3'" "C8'"  sing N N 214 
GGT "C3'" "C2'"  sing N N 215 
GGT "O3'" "C6'"  sing N N 216 
GGT "C6'" "O4'"  doub N N 217 
GGT "C6'" "C7'"  sing N N 218 
GGT O12   C17    sing N N 219 
GGT C47   H47    sing N N 220 
GGT C47   H47A   sing N N 221 
GGT C47   H47B   sing N N 222 
GGT O43   HO43   sing N N 223 
GGT C43   H43    sing N N 224 
GGT O42   HO42   sing N N 225 
GGT C42   H42    sing N N 226 
GGT C42   H42A   sing N N 227 
GGT C45   H45    sing N N 228 
GGT C46   H46    sing N N 229 
GGT C46   H46A   sing N N 230 
GGT C46   H46B   sing N N 231 
GGT C41   H41    sing N N 232 
GGT C17   H17    sing N N 233 
GGT C17   H17A   sing N N 234 
GGT C12   H12    sing N N 235 
GGT C16   H16    sing N N 236 
GGT C33   H33    sing N N 237 
GGT C33   H33A   sing N N 238 
GGT C33   H33B   sing N N 239 
GGT C32   H32    sing N N 240 
GGT C32   H32A   sing N N 241 
GGT C32   H32B   sing N N 242 
GGT C11   H11    sing N N 243 
GGT C31   H31    sing N N 244 
GGT C31   H31A   sing N N 245 
GGT C31   H31B   sing N N 246 
GGT C5    H5     sing N N 247 
GGT C30   H30    sing N N 248 
GGT C30   H30A   sing N N 249 
GGT C30   H30B   sing N N 250 
GGT O5    HO5    sing N N 251 
GGT C4    H4     sing N N 252 
GGT C3    H3     sing N N 253 
GGT C3    H3A    sing N N 254 
GGT C2    H2     sing N N 255 
GGT O2    HO2    sing N N 256 
GGT "C1'" "H1'"  sing N N 257 
GGT "C5'" "H5'"  sing N N 258 
GGT "C9'" "H9'"  sing N N 259 
GGT "C9'" "H9'A" sing N N 260 
GGT "C9'" "H9'B" sing N N 261 
GGT "C4'" "H4'"  sing N N 262 
GGT "O2'" "HO2'" sing N N 263 
GGT "C8'" "H8'"  sing N N 264 
GGT "C8'" "H8'A" sing N N 265 
GGT "C8'" "H8'B" sing N N 266 
GGT "C2'" "H2'"  sing N N 267 
GGT "C2'" "H2'A" sing N N 268 
GGT "C7'" "H7'"  sing N N 269 
GGT "C7'" "H7'A" sing N N 270 
GGT "C7'" "H7'B" sing N N 271 
HOH O     H1     sing N N 272 
HOH O     H2     sing N N 273 
# 
loop_
_ndb_struct_conf_na.entry_id 
_ndb_struct_conf_na.feature 
3C2J 'double helix'        
3C2J 'b-form double helix' 
# 
loop_
_ndb_struct_na_base_pair.model_number 
_ndb_struct_na_base_pair.i_label_asym_id 
_ndb_struct_na_base_pair.i_label_comp_id 
_ndb_struct_na_base_pair.i_label_seq_id 
_ndb_struct_na_base_pair.i_symmetry 
_ndb_struct_na_base_pair.j_label_asym_id 
_ndb_struct_na_base_pair.j_label_comp_id 
_ndb_struct_na_base_pair.j_label_seq_id 
_ndb_struct_na_base_pair.j_symmetry 
_ndb_struct_na_base_pair.shear 
_ndb_struct_na_base_pair.stretch 
_ndb_struct_na_base_pair.stagger 
_ndb_struct_na_base_pair.buckle 
_ndb_struct_na_base_pair.propeller 
_ndb_struct_na_base_pair.opening 
_ndb_struct_na_base_pair.pair_number 
_ndb_struct_na_base_pair.pair_name 
_ndb_struct_na_base_pair.i_auth_asym_id 
_ndb_struct_na_base_pair.i_auth_seq_id 
_ndb_struct_na_base_pair.i_PDB_ins_code 
_ndb_struct_na_base_pair.j_auth_asym_id 
_ndb_struct_na_base_pair.j_auth_seq_id 
_ndb_struct_na_base_pair.j_PDB_ins_code 
_ndb_struct_na_base_pair.hbond_type_28 
_ndb_struct_na_base_pair.hbond_type_12 
1 A DA 2 1_555 B DT 8 1_555 -0.162 -0.118 0.192  8.648  -9.458 10.098 1 A_DA2:DT108_B A 2 ? B 108 ? 20 1 
1 A DC 3 1_555 B DG 6 1_555 0.350  -0.250 -0.172 -9.736 10.585 -2.427 2 A_DC3:DG106_B A 3 ? B 106 ? 19 1 
1 A DC 4 1_555 B DG 5 1_555 0.304  -0.203 0.176  -3.129 -4.271 -3.178 3 A_DC4:DG105_B A 4 ? B 105 ? 19 1 
1 A DG 5 1_555 B DC 4 1_555 -0.321 -0.181 0.176  2.353  -0.923 -1.072 4 A_DG5:DC104_B A 5 ? B 104 ? 19 1 
1 A DG 6 1_555 B DC 3 1_555 -0.169 -0.251 -0.012 12.481 5.469  0.076  5 A_DG6:DC103_B A 6 ? B 103 ? 19 1 
1 A DT 8 1_555 B DA 2 1_555 0.106  -0.119 0.030  -6.684 -6.067 7.861  6 A_DT8:DA102_B A 8 ? B 102 ? 20 1 
# 
loop_
_ndb_struct_na_base_pair_step.model_number 
_ndb_struct_na_base_pair_step.i_label_asym_id_1 
_ndb_struct_na_base_pair_step.i_label_comp_id_1 
_ndb_struct_na_base_pair_step.i_label_seq_id_1 
_ndb_struct_na_base_pair_step.i_symmetry_1 
_ndb_struct_na_base_pair_step.j_label_asym_id_1 
_ndb_struct_na_base_pair_step.j_label_comp_id_1 
_ndb_struct_na_base_pair_step.j_label_seq_id_1 
_ndb_struct_na_base_pair_step.j_symmetry_1 
_ndb_struct_na_base_pair_step.i_label_asym_id_2 
_ndb_struct_na_base_pair_step.i_label_comp_id_2 
_ndb_struct_na_base_pair_step.i_label_seq_id_2 
_ndb_struct_na_base_pair_step.i_symmetry_2 
_ndb_struct_na_base_pair_step.j_label_asym_id_2 
_ndb_struct_na_base_pair_step.j_label_comp_id_2 
_ndb_struct_na_base_pair_step.j_label_seq_id_2 
_ndb_struct_na_base_pair_step.j_symmetry_2 
_ndb_struct_na_base_pair_step.shift 
_ndb_struct_na_base_pair_step.slide 
_ndb_struct_na_base_pair_step.rise 
_ndb_struct_na_base_pair_step.tilt 
_ndb_struct_na_base_pair_step.roll 
_ndb_struct_na_base_pair_step.twist 
_ndb_struct_na_base_pair_step.x_displacement 
_ndb_struct_na_base_pair_step.y_displacement 
_ndb_struct_na_base_pair_step.helical_rise 
_ndb_struct_na_base_pair_step.inclination 
_ndb_struct_na_base_pair_step.tip 
_ndb_struct_na_base_pair_step.helical_twist 
_ndb_struct_na_base_pair_step.step_number 
_ndb_struct_na_base_pair_step.step_name 
_ndb_struct_na_base_pair_step.i_auth_asym_id_1 
_ndb_struct_na_base_pair_step.i_auth_seq_id_1 
_ndb_struct_na_base_pair_step.i_PDB_ins_code_1 
_ndb_struct_na_base_pair_step.j_auth_asym_id_1 
_ndb_struct_na_base_pair_step.j_auth_seq_id_1 
_ndb_struct_na_base_pair_step.j_PDB_ins_code_1 
_ndb_struct_na_base_pair_step.i_auth_asym_id_2 
_ndb_struct_na_base_pair_step.i_auth_seq_id_2 
_ndb_struct_na_base_pair_step.i_PDB_ins_code_2 
_ndb_struct_na_base_pair_step.j_auth_asym_id_2 
_ndb_struct_na_base_pair_step.j_auth_seq_id_2 
_ndb_struct_na_base_pair_step.j_PDB_ins_code_2 
1 A DA 2 1_555 B DT 8 1_555 A DC 3 1_555 B DG 6 1_555 -0.039 2.023 6.769 -11.919 7.380  45.914 1.249 -1.959 6.808 9.211  14.876  
47.895 1 AA_DA2DC3:DG106DT108_BB A 2 ? B 108 ? A 3 ? B 106 ? 
1 A DC 3 1_555 B DG 6 1_555 A DC 4 1_555 B DG 5 1_555 -1.019 0.768 3.290 -4.188  0.182  35.094 1.238 1.045  3.389 0.300  6.915   
35.335 2 AA_DC3DC4:DG105DG106_BB A 3 ? B 106 ? A 4 ? B 105 ? 
1 A DC 4 1_555 B DG 5 1_555 A DG 5 1_555 B DC 4 1_555 0.276  0.451 3.174 -0.115  0.990  39.647 0.552 -0.420 3.183 1.460  0.170   
39.659 3 AA_DC4DG5:DC104DG105_BB A 4 ? B 105 ? A 5 ? B 104 ? 
1 A DG 5 1_555 B DC 4 1_555 A DG 6 1_555 B DC 3 1_555 0.497  0.804 3.194 3.302   -0.018 36.648 1.276 -0.345 3.225 -0.029 -5.238  
36.792 4 AA_DG5DG6:DC103DC104_BB A 5 ? B 104 ? A 6 ? B 103 ? 
1 A DG 6 1_555 B DC 3 1_555 A DT 8 1_555 B DA 2 1_555 -0.032 2.245 6.904 11.810  2.131  43.044 2.541 2.352  6.768 2.839  -15.734 
44.609 5 AA_DG6DT8:DA102DC103_BB A 6 ? B 103 ? A 8 ? B 102 ? 
# 
_atom_sites.entry_id                    3C2J 
_atom_sites.fract_transf_matrix[1][1]   0.01558262 
_atom_sites.fract_transf_matrix[1][2]   0.01437493 
_atom_sites.fract_transf_matrix[1][3]   -0.01605897 
_atom_sites.fract_transf_matrix[2][1]   0.01318532 
_atom_sites.fract_transf_matrix[2][2]   -0.02203372 
_atom_sites.fract_transf_matrix[2][3]   -0.00692891 
_atom_sites.fract_transf_matrix[3][1]   -0.00699701 
_atom_sites.fract_transf_matrix[3][2]   -0.00160130 
_atom_sites.fract_transf_matrix[3][3]   -0.00822283 
_atom_sites.fract_transf_vector[1]      0.737870 
_atom_sites.fract_transf_vector[2]      0.732811 
_atom_sites.fract_transf_vector[3]      0.117386 
# 
loop_
_atom_type.symbol 
C 
N 
O 
P 
# 
loop_
_atom_site.group_PDB 
_atom_site.id 
_atom_site.type_symbol 
_atom_site.label_atom_id 
_atom_site.label_alt_id 
_atom_site.label_comp_id 
_atom_site.label_asym_id 
_atom_site.label_entity_id 
_atom_site.label_seq_id 
_atom_site.pdbx_PDB_ins_code 
_atom_site.Cartn_x 
_atom_site.Cartn_y 
_atom_site.Cartn_z 
_atom_site.occupancy 
_atom_site.B_iso_or_equiv 
_atom_site.pdbx_formal_charge 
_atom_site.auth_seq_id 
_atom_site.auth_comp_id 
_atom_site.auth_asym_id 
_atom_site.auth_atom_id 
_atom_site.pdbx_PDB_model_num 
ATOM   1   O "O5'" . DA  A 1 1 ? -5.236  5.497   -11.194 1.00 46.57 ? 1   DA  A "O5'" 1 
ATOM   2   C "C5'" . DA  A 1 1 ? -4.185  4.713   -11.653 1.00 48.75 ? 1   DA  A "C5'" 1 
ATOM   3   C "C4'" . DA  A 1 1 ? -2.967  5.611   -11.808 1.00 47.17 ? 1   DA  A "C4'" 1 
ATOM   4   O "O4'" . DA  A 1 1 ? -3.157  6.536   -12.886 1.00 43.17 ? 1   DA  A "O4'" 1 
ATOM   5   C "C3'" . DA  A 1 1 ? -2.618  6.481   -10.609 1.00 48.56 ? 1   DA  A "C3'" 1 
ATOM   6   O "O3'" . DA  A 1 1 ? -1.206  6.563   -10.422 1.00 48.51 ? 1   DA  A "O3'" 1 
ATOM   7   C "C2'" . DA  A 1 1 ? -3.177  7.844   -10.981 1.00 45.53 ? 1   DA  A "C2'" 1 
ATOM   8   C "C1'" . DA  A 1 1 ? -3.001  7.885   -12.484 1.00 41.85 ? 1   DA  A "C1'" 1 
ATOM   9   N N9    . DA  A 1 1 ? -3.900  8.723   -13.250 1.00 41.20 ? 1   DA  A N9    1 
ATOM   10  C C8    . DA  A 1 1 ? -3.606  9.750   -14.063 1.00 38.38 ? 1   DA  A C8    1 
ATOM   11  N N7    . DA  A 1 1 ? -4.631  10.331  -14.658 1.00 39.71 ? 1   DA  A N7    1 
ATOM   12  C C5    . DA  A 1 1 ? -5.697  9.570   -14.140 1.00 39.39 ? 1   DA  A C5    1 
ATOM   13  C C6    . DA  A 1 1 ? -7.098  9.710   -14.386 1.00 41.62 ? 1   DA  A C6    1 
ATOM   14  N N6    . DA  A 1 1 ? -7.608  10.628  -15.180 1.00 40.31 ? 1   DA  A N6    1 
ATOM   15  N N1    . DA  A 1 1 ? -7.910  8.832   -13.715 1.00 40.46 ? 1   DA  A N1    1 
ATOM   16  C C2    . DA  A 1 1 ? -7.342  7.903   -12.973 1.00 38.16 ? 1   DA  A C2    1 
ATOM   17  N N3    . DA  A 1 1 ? -6.043  7.659   -12.612 1.00 42.32 ? 1   DA  A N3    1 
ATOM   18  C C4    . DA  A 1 1 ? -5.286  8.617   -13.286 1.00 42.72 ? 1   DA  A C4    1 
ATOM   19  P P     . DA  A 1 2 ? -0.432  5.430   -9.656  1.00 47.26 ? 2   DA  A P     1 
ATOM   20  O OP1   . DA  A 1 2 ? -0.047  4.509   -10.731 1.00 50.47 ? 2   DA  A OP1   1 
ATOM   21  O OP2   . DA  A 1 2 ? -1.110  4.926   -8.483  1.00 48.09 ? 2   DA  A OP2   1 
ATOM   22  O "O5'" . DA  A 1 2 ? 0.764   6.284   -9.105  1.00 48.95 ? 2   DA  A "O5'" 1 
ATOM   23  C "C5'" . DA  A 1 2 ? 1.820   6.544   -10.082 1.00 49.25 ? 2   DA  A "C5'" 1 
ATOM   24  C "C4'" . DA  A 1 2 ? 2.873   7.481   -9.488  1.00 47.61 ? 2   DA  A "C4'" 1 
ATOM   25  O "O4'" . DA  A 1 2 ? 2.130   8.594   -9.002  1.00 44.28 ? 2   DA  A "O4'" 1 
ATOM   26  C "C3'" . DA  A 1 2 ? 3.565   6.904   -8.243  1.00 48.42 ? 2   DA  A "C3'" 1 
ATOM   27  O "O3'" . DA  A 1 2 ? 4.850   7.463   -8.065  1.00 49.51 ? 2   DA  A "O3'" 1 
ATOM   28  C "C2'" . DA  A 1 2 ? 2.695   7.409   -7.099  1.00 49.60 ? 2   DA  A "C2'" 1 
ATOM   29  C "C1'" . DA  A 1 2 ? 2.243   8.754   -7.619  1.00 48.57 ? 2   DA  A "C1'" 1 
ATOM   30  N N9    . DA  A 1 2 ? 0.936   9.174   -7.050  1.00 47.94 ? 2   DA  A N9    1 
ATOM   31  C C8    . DA  A 1 2 ? -0.312  8.886   -7.494  1.00 48.65 ? 2   DA  A C8    1 
ATOM   32  N N7    . DA  A 1 2 ? -1.286  9.391   -6.732  1.00 47.91 ? 2   DA  A N7    1 
ATOM   33  C C5    . DA  A 1 2 ? -0.584  10.088  -5.773  1.00 47.50 ? 2   DA  A C5    1 
ATOM   34  C C6    . DA  A 1 2 ? -1.024  10.799  -4.665  1.00 46.85 ? 2   DA  A C6    1 
ATOM   35  N N6    . DA  A 1 2 ? -2.336  10.974  -4.437  1.00 48.18 ? 2   DA  A N6    1 
ATOM   36  N N1    . DA  A 1 2 ? -0.085  11.264  -3.836  1.00 48.23 ? 2   DA  A N1    1 
ATOM   37  C C2    . DA  A 1 2 ? 1.206   11.107  -4.128  1.00 48.10 ? 2   DA  A C2    1 
ATOM   38  N N3    . DA  A 1 2 ? 1.710   10.426  -5.152  1.00 46.49 ? 2   DA  A N3    1 
ATOM   39  C C4    . DA  A 1 2 ? 0.763   9.925   -5.917  1.00 46.81 ? 2   DA  A C4    1 
ATOM   40  P P     . DC  A 1 3 ? 6.070   6.530   -8.398  1.00 51.91 ? 3   DC  A P     1 
ATOM   41  O OP1   . DC  A 1 3 ? 7.206   7.475   -8.531  1.00 50.97 ? 3   DC  A OP1   1 
ATOM   42  O OP2   . DC  A 1 3 ? 5.728   5.593   -9.500  1.00 51.10 ? 3   DC  A OP2   1 
ATOM   43  O "O5'" . DC  A 1 3 ? 6.206   5.614   -7.151  1.00 48.42 ? 3   DC  A "O5'" 1 
ATOM   44  C "C5'" . DC  A 1 3 ? 6.724   6.215   -5.991  1.00 51.24 ? 3   DC  A "C5'" 1 
ATOM   45  C "C4'" . DC  A 1 3 ? 6.586   5.325   -4.779  1.00 50.20 ? 3   DC  A "C4'" 1 
ATOM   46  O "O4'" . DC  A 1 3 ? 5.181   5.224   -4.429  1.00 53.52 ? 3   DC  A "O4'" 1 
ATOM   47  C "C3'" . DC  A 1 3 ? 7.002   3.875   -4.933  1.00 53.00 ? 3   DC  A "C3'" 1 
ATOM   48  O "O3'" . DC  A 1 3 ? 7.477   3.408   -3.670  1.00 55.95 ? 3   DC  A "O3'" 1 
ATOM   49  C "C2'" . DC  A 1 3 ? 5.708   3.132   -5.299  1.00 51.31 ? 3   DC  A "C2'" 1 
ATOM   50  C "C1'" . DC  A 1 3 ? 4.748   3.871   -4.390  1.00 49.71 ? 3   DC  A "C1'" 1 
ATOM   51  N N1    . DC  A 1 3 ? 3.282   3.932   -4.737  1.00 51.23 ? 3   DC  A N1    1 
ATOM   52  C C2    . DC  A 1 3 ? 2.385   4.203   -3.678  1.00 51.76 ? 3   DC  A C2    1 
ATOM   53  O O2    . DC  A 1 3 ? 2.765   4.373   -2.492  1.00 51.55 ? 3   DC  A O2    1 
ATOM   54  N N3    . DC  A 1 3 ? 1.081   4.317   -4.003  1.00 51.40 ? 3   DC  A N3    1 
ATOM   55  C C4    . DC  A 1 3 ? 0.637   4.177   -5.241  1.00 50.13 ? 3   DC  A C4    1 
ATOM   56  N N4    . DC  A 1 3 ? -0.691  4.333   -5.396  1.00 50.86 ? 3   DC  A N4    1 
ATOM   57  C C5    . DC  A 1 3 ? 1.523   3.947   -6.344  1.00 50.86 ? 3   DC  A C5    1 
ATOM   58  C C6    . DC  A 1 3 ? 2.819   3.825   -6.029  1.00 51.16 ? 3   DC  A C6    1 
ATOM   59  P P     . DC  A 1 4 ? 8.515   2.187   -3.597  1.00 56.88 ? 4   DC  A P     1 
ATOM   60  O OP1   . DC  A 1 4 ? 9.754   2.864   -4.055  1.00 58.63 ? 4   DC  A OP1   1 
ATOM   61  O OP2   . DC  A 1 4 ? 8.072   0.958   -4.309  1.00 53.32 ? 4   DC  A OP2   1 
ATOM   62  O "O5'" . DC  A 1 4 ? 8.430   1.881   -2.011  1.00 53.48 ? 4   DC  A "O5'" 1 
ATOM   63  C "C5'" . DC  A 1 4 ? 8.619   2.960   -1.116  1.00 54.27 ? 4   DC  A "C5'" 1 
ATOM   64  C "C4'" . DC  A 1 4 ? 7.811   2.720   0.129   1.00 54.31 ? 4   DC  A "C4'" 1 
ATOM   65  O "O4'" . DC  A 1 4 ? 6.430   2.761   -0.309  1.00 53.59 ? 4   DC  A "O4'" 1 
ATOM   66  C "C3'" . DC  A 1 4 ? 8.025   1.370   0.833   1.00 55.41 ? 4   DC  A "C3'" 1 
ATOM   67  O "O3'" . DC  A 1 4 ? 8.198   1.545   2.288   1.00 57.77 ? 4   DC  A "O3'" 1 
ATOM   68  C "C2'" . DC  A 1 4 ? 6.771   0.604   0.434   1.00 53.63 ? 4   DC  A "C2'" 1 
ATOM   69  C "C1'" . DC  A 1 4 ? 5.710   1.700   0.241   1.00 53.25 ? 4   DC  A "C1'" 1 
ATOM   70  N N1    . DC  A 1 4 ? 4.650   1.450   -0.723  1.00 49.49 ? 4   DC  A N1    1 
ATOM   71  C C2    . DC  A 1 4 ? 3.285   1.578   -0.356  1.00 53.00 ? 4   DC  A C2    1 
ATOM   72  O O2    . DC  A 1 4 ? 2.916   1.905   0.791   1.00 52.52 ? 4   DC  A O2    1 
ATOM   73  N N3    . DC  A 1 4 ? 2.364   1.346   -1.313  1.00 51.49 ? 4   DC  A N3    1 
ATOM   74  C C4    . DC  A 1 4 ? 2.673   1.006   -2.544  1.00 51.16 ? 4   DC  A C4    1 
ATOM   75  N N4    . DC  A 1 4 ? 1.669   0.812   -3.399  1.00 50.88 ? 4   DC  A N4    1 
ATOM   76  C C5    . DC  A 1 4 ? 4.045   0.867   -2.927  1.00 51.44 ? 4   DC  A C5    1 
ATOM   77  C C6    . DC  A 1 4 ? 4.984   1.090   -1.994  1.00 51.42 ? 4   DC  A C6    1 
ATOM   78  P P     . DG  A 1 5 ? 8.202   0.310   3.322   1.00 54.92 ? 5   DG  A P     1 
ATOM   79  O OP1   . DG  A 1 5 ? 9.138   0.817   4.339   1.00 56.08 ? 5   DG  A OP1   1 
ATOM   80  O OP2   . DG  A 1 5 ? 8.302   -0.961  2.594   1.00 61.25 ? 5   DG  A OP2   1 
ATOM   81  O "O5'" . DG  A 1 5 ? 6.745   0.158   3.920   1.00 54.00 ? 5   DG  A "O5'" 1 
ATOM   82  C "C5'" . DG  A 1 5 ? 6.114   1.311   4.493   1.00 53.38 ? 5   DG  A "C5'" 1 
ATOM   83  C "C4'" . DG  A 1 5 ? 4.849   0.913   5.233   1.00 52.16 ? 5   DG  A "C4'" 1 
ATOM   84  O "O4'" . DG  A 1 5 ? 3.812   0.602   4.260   1.00 50.73 ? 5   DG  A "O4'" 1 
ATOM   85  C "C3'" . DG  A 1 5 ? 4.937   -0.319  6.161   1.00 48.27 ? 5   DG  A "C3'" 1 
ATOM   86  O "O3'" . DG  A 1 5 ? 4.007   -0.185  7.190   1.00 48.03 ? 5   DG  A "O3'" 1 
ATOM   87  C "C2'" . DG  A 1 5 ? 4.537   -1.458  5.214   1.00 50.65 ? 5   DG  A "C2'" 1 
ATOM   88  C "C1'" . DG  A 1 5 ? 3.473   -0.814  4.333   1.00 47.44 ? 5   DG  A "C1'" 1 
ATOM   89  N N9    . DG  A 1 5 ? 3.390   -1.201  2.928   1.00 45.56 ? 5   DG  A N9    1 
ATOM   90  C C8    . DG  A 1 5 ? 4.422   -1.430  2.065   1.00 47.23 ? 5   DG  A C8    1 
ATOM   91  N N7    . DG  A 1 5 ? 4.019   -1.693  0.819   1.00 48.88 ? 5   DG  A N7    1 
ATOM   92  C C5    . DG  A 1 5 ? 2.647   -1.568  0.885   1.00 46.44 ? 5   DG  A C5    1 
ATOM   93  C C6    . DG  A 1 5 ? 1.696   -1.722  -0.168  1.00 47.71 ? 5   DG  A C6    1 
ATOM   94  O O6    . DG  A 1 5 ? 1.928   -1.983  -1.337  1.00 48.44 ? 5   DG  A O6    1 
ATOM   95  N N1    . DG  A 1 5 ? 0.411   -1.543  0.282   1.00 46.17 ? 5   DG  A N1    1 
ATOM   96  C C2    . DG  A 1 5 ? 0.098   -1.213  1.574   1.00 44.86 ? 5   DG  A C2    1 
ATOM   97  N N2    . DG  A 1 5 ? -1.189  -1.041  1.849   1.00 46.98 ? 5   DG  A N2    1 
ATOM   98  N N3    . DG  A 1 5 ? 0.970   -1.089  2.593   1.00 45.49 ? 5   DG  A N3    1 
ATOM   99  C C4    . DG  A 1 5 ? 2.234   -1.292  2.155   1.00 43.54 ? 5   DG  A C4    1 
ATOM   100 P P     . DG  A 1 6 ? 3.760   -1.240  8.363   1.00 50.83 ? 6   DG  A P     1 
ATOM   101 O OP1   . DG  A 1 6 ? 3.392   -0.459  9.541   1.00 48.60 ? 6   DG  A OP1   1 
ATOM   102 O OP2   . DG  A 1 6 ? 4.876   -2.199  8.335   1.00 49.83 ? 6   DG  A OP2   1 
ATOM   103 O "O5'" . DG  A 1 6 ? 2.514   -2.085  7.899   1.00 51.37 ? 6   DG  A "O5'" 1 
ATOM   104 C "C5'" . DG  A 1 6 ? 1.231   -1.423  7.824   1.00 52.28 ? 6   DG  A "C5'" 1 
ATOM   105 C "C4'" . DG  A 1 6 ? 0.182   -2.431  7.431   1.00 50.13 ? 6   DG  A "C4'" 1 
ATOM   106 O "O4'" . DG  A 1 6 ? 0.428   -2.882  6.059   1.00 47.96 ? 6   DG  A "O4'" 1 
ATOM   107 C "C3'" . DG  A 1 6 ? 0.150   -3.702  8.251   1.00 47.83 ? 6   DG  A "C3'" 1 
ATOM   108 O "O3'" . DG  A 1 6 ? -1.182  -4.119  8.386   1.00 50.25 ? 6   DG  A "O3'" 1 
ATOM   109 C "C2'" . DG  A 1 6 ? 0.861   -4.752  7.408   1.00 48.14 ? 6   DG  A "C2'" 1 
ATOM   110 C "C1'" . DG  A 1 6 ? 0.406   -4.336  6.010   1.00 46.80 ? 6   DG  A "C1'" 1 
ATOM   111 N N9    . DG  A 1 6 ? 1.229   -4.561  4.825   1.00 44.97 ? 6   DG  A N9    1 
ATOM   112 C C8    . DG  A 1 6 ? 2.564   -4.660  4.770   1.00 46.65 ? 6   DG  A C8    1 
ATOM   113 N N7    . DG  A 1 6 ? 3.056   -4.780  3.570   1.00 46.31 ? 6   DG  A N7    1 
ATOM   114 C C5    . DG  A 1 6 ? 1.947   -4.743  2.765   1.00 44.61 ? 6   DG  A C5    1 
ATOM   115 C C6    . DG  A 1 6 ? 1.859   -4.782  1.361   1.00 48.04 ? 6   DG  A C6    1 
ATOM   116 O O6    . DG  A 1 6 ? 2.769   -4.896  0.504   1.00 47.08 ? 6   DG  A O6    1 
ATOM   117 N N1    . DG  A 1 6 ? 0.557   -4.688  0.986   1.00 45.64 ? 6   DG  A N1    1 
ATOM   118 C C2    . DG  A 1 6 ? -0.518  -4.582  1.844   1.00 46.03 ? 6   DG  A C2    1 
ATOM   119 N N2    . DG  A 1 6 ? -1.732  -4.534  1.282   1.00 45.27 ? 6   DG  A N2    1 
ATOM   120 N N3    . DG  A 1 6 ? -0.457  -4.521  3.171   1.00 45.61 ? 6   DG  A N3    1 
ATOM   121 C C4    . DG  A 1 6 ? 0.816   -4.604  3.544   1.00 44.83 ? 6   DG  A C4    1 
ATOM   122 P P     . DT  A 1 7 ? -1.865  -4.303  9.810   1.00 51.53 ? 7   DT  A P     1 
ATOM   123 O OP1   . DT  A 1 7 ? -3.283  -3.962  9.611   1.00 50.71 ? 7   DT  A OP1   1 
ATOM   124 O OP2   . DT  A 1 7 ? -1.175  -3.450  10.769  1.00 49.61 ? 7   DT  A OP2   1 
ATOM   125 O "O5'" . DT  A 1 7 ? -1.742  -5.821  10.169  1.00 49.32 ? 7   DT  A "O5'" 1 
ATOM   126 C "C5'" . DT  A 1 7 ? -2.257  -6.854  9.373   1.00 45.82 ? 7   DT  A "C5'" 1 
ATOM   127 C "C4'" . DT  A 1 7 ? -1.604  -8.194  9.649   1.00 48.57 ? 7   DT  A "C4'" 1 
ATOM   128 O "O4'" . DT  A 1 7 ? -0.178  -8.107  9.366   1.00 45.53 ? 7   DT  A "O4'" 1 
ATOM   129 C "C3'" . DT  A 1 7 ? -1.778  -8.711  11.092  1.00 47.08 ? 7   DT  A "C3'" 1 
ATOM   130 O "O3'" . DT  A 1 7 ? -1.851  -10.123 11.111  1.00 49.35 ? 7   DT  A "O3'" 1 
ATOM   131 C "C2'" . DT  A 1 7 ? -0.490  -8.224  11.718  1.00 47.10 ? 7   DT  A "C2'" 1 
ATOM   132 C "C1'" . DT  A 1 7 ? 0.484   -8.490  10.544  1.00 45.60 ? 7   DT  A "C1'" 1 
ATOM   133 N N1    . DT  A 1 7 ? 1.760   -7.721  10.640  1.00 40.87 ? 7   DT  A N1    1 
ATOM   134 C C2    . DT  A 1 7 ? 2.907   -8.452  10.423  1.00 42.70 ? 7   DT  A C2    1 
ATOM   135 O O2    . DT  A 1 7 ? 2.903   -9.610  10.181  1.00 43.25 ? 7   DT  A O2    1 
ATOM   136 N N3    . DT  A 1 7 ? 4.053   -7.695  10.500  1.00 41.29 ? 7   DT  A N3    1 
ATOM   137 C C4    . DT  A 1 7 ? 4.213   -6.352  10.743  1.00 45.16 ? 7   DT  A C4    1 
ATOM   138 O O4    . DT  A 1 7 ? 5.326   -5.814  10.809  1.00 44.16 ? 7   DT  A O4    1 
ATOM   139 C C5    . DT  A 1 7 ? 2.980   -5.618  10.924  1.00 42.81 ? 7   DT  A C5    1 
ATOM   140 C C7    . DT  A 1 7 ? 3.020   -4.157  11.250  1.00 44.97 ? 7   DT  A C7    1 
ATOM   141 C C6    . DT  A 1 7 ? 1.846   -6.375  10.880  1.00 44.06 ? 7   DT  A C6    1 
ATOM   142 P P     . DT  A 1 8 ? -3.197  -10.908 11.448  1.00 52.49 ? 8   DT  A P     1 
ATOM   143 O OP1   . DT  A 1 8 ? -3.914  -9.955  12.328  1.00 47.81 ? 8   DT  A OP1   1 
ATOM   144 O OP2   . DT  A 1 8 ? -2.915  -12.333 11.712  1.00 49.14 ? 8   DT  A OP2   1 
ATOM   145 O "O5'" . DT  A 1 8 ? -4.029  -10.935 10.089  1.00 49.80 ? 8   DT  A "O5'" 1 
ATOM   146 C "C5'" . DT  A 1 8 ? -4.812  -9.865  9.702   1.00 51.29 ? 8   DT  A "C5'" 1 
ATOM   147 C "C4'" . DT  A 1 8 ? -5.293  -10.085 8.298   1.00 50.97 ? 8   DT  A "C4'" 1 
ATOM   148 O "O4'" . DT  A 1 8 ? -4.143  -9.920  7.426   1.00 51.15 ? 8   DT  A "O4'" 1 
ATOM   149 C "C3'" . DT  A 1 8 ? -5.940  -11.406 7.903   1.00 48.94 ? 8   DT  A "C3'" 1 
ATOM   150 O "O3'" . DT  A 1 8 ? -6.976  -11.124 6.977   1.00 52.71 ? 8   DT  A "O3'" 1 
ATOM   151 C "C2'" . DT  A 1 8 ? -4.798  -12.136 7.188   1.00 50.22 ? 8   DT  A "C2'" 1 
ATOM   152 C "C1'" . DT  A 1 8 ? -4.063  -10.988 6.509   1.00 48.10 ? 8   DT  A "C1'" 1 
ATOM   153 N N1    . DT  A 1 8 ? -2.629  -11.179 6.252   1.00 42.56 ? 8   DT  A N1    1 
ATOM   154 C C2    . DT  A 1 8 ? -2.150  -11.212 4.987   1.00 45.94 ? 8   DT  A C2    1 
ATOM   155 O O2    . DT  A 1 8 ? -2.854  -11.152 4.028   1.00 43.89 ? 8   DT  A O2    1 
ATOM   156 N N3    . DT  A 1 8 ? -0.778  -11.361 4.882   1.00 44.58 ? 8   DT  A N3    1 
ATOM   157 C C4    . DT  A 1 8 ? 0.134   -11.487 5.909   1.00 43.26 ? 8   DT  A C4    1 
ATOM   158 O O4    . DT  A 1 8 ? 1.321   -11.578 5.681   1.00 42.70 ? 8   DT  A O4    1 
ATOM   159 C C5    . DT  A 1 8 ? -0.425  -11.426 7.219   1.00 43.97 ? 8   DT  A C5    1 
ATOM   160 C C7    . DT  A 1 8 ? 0.416   -11.579 8.460   1.00 43.34 ? 8   DT  A C7    1 
ATOM   161 C C6    . DT  A 1 8 ? -1.771  -11.254 7.309   1.00 43.62 ? 8   DT  A C6    1 
ATOM   162 O "O5'" . DA  B 1 1 ? 7.131   -14.881 -7.753  1.00 94.66 ? 101 DA  B "O5'" 1 
ATOM   163 C "C5'" . DA  B 1 1 ? 6.249   -13.751 -7.533  1.00 92.91 ? 101 DA  B "C5'" 1 
ATOM   164 C "C4'" . DA  B 1 1 ? 6.546   -13.065 -6.207  1.00 90.68 ? 101 DA  B "C4'" 1 
ATOM   165 O "O4'" . DA  B 1 1 ? 7.969   -13.098 -5.940  1.00 91.30 ? 101 DA  B "O4'" 1 
ATOM   166 C "C3'" . DA  B 1 1 ? 6.216   -11.575 -5.983  1.00 88.18 ? 101 DA  B "C3'" 1 
ATOM   167 O "O3'" . DA  B 1 1 ? 4.860   -11.311 -5.601  1.00 79.87 ? 101 DA  B "O3'" 1 
ATOM   168 C "C2'" . DA  B 1 1 ? 7.131   -11.244 -4.817  1.00 89.77 ? 101 DA  B "C2'" 1 
ATOM   169 C "C1'" . DA  B 1 1 ? 7.986   -12.503 -4.662  1.00 93.39 ? 101 DA  B "C1'" 1 
ATOM   170 N N9    . DA  B 1 1 ? 9.319   -12.181 -4.184  1.00 94.21 ? 101 DA  B N9    1 
ATOM   171 C C8    . DA  B 1 1 ? 10.284  -11.483 -4.855  1.00 94.97 ? 101 DA  B C8    1 
ATOM   172 N N7    . DA  B 1 1 ? 11.377  -11.314 -4.152  1.00 95.60 ? 101 DA  B N7    1 
ATOM   173 C C5    . DA  B 1 1 ? 11.098  -11.930 -2.936  1.00 95.48 ? 101 DA  B C5    1 
ATOM   174 C C6    . DA  B 1 1 ? 11.852  -12.099 -1.760  1.00 95.02 ? 101 DA  B C6    1 
ATOM   175 N N6    . DA  B 1 1 ? 13.100  -11.622 -1.648  1.00 95.24 ? 101 DA  B N6    1 
ATOM   176 N N1    . DA  B 1 1 ? 11.275  -12.754 -0.713  1.00 94.75 ? 101 DA  B N1    1 
ATOM   177 C C2    . DA  B 1 1 ? 10.025  -13.216 -0.841  1.00 94.72 ? 101 DA  B C2    1 
ATOM   178 N N3    . DA  B 1 1 ? 9.222   -13.119 -1.907  1.00 95.40 ? 101 DA  B N3    1 
ATOM   179 C C4    . DA  B 1 1 ? 9.822   -12.462 -2.930  1.00 95.28 ? 101 DA  B C4    1 
ATOM   180 P P     . DA  B 1 2 ? 4.235   -9.810  -5.444  1.00 70.68 ? 102 DA  B P     1 
ATOM   181 O OP1   . DA  B 1 2 ? 4.123   -9.184  -6.786  1.00 73.37 ? 102 DA  B OP1   1 
ATOM   182 O OP2   . DA  B 1 2 ? 4.967   -9.032  -4.422  1.00 67.41 ? 102 DA  B OP2   1 
ATOM   183 O "O5'" . DA  B 1 2 ? 2.745   -10.106 -4.951  1.00 65.13 ? 102 DA  B "O5'" 1 
ATOM   184 C "C5'" . DA  B 1 2 ? 1.929   -11.015 -5.710  1.00 59.08 ? 102 DA  B "C5'" 1 
ATOM   185 C "C4'" . DA  B 1 2 ? 0.495   -11.183 -5.201  1.00 55.84 ? 102 DA  B "C4'" 1 
ATOM   186 O "O4'" . DA  B 1 2 ? 0.514   -11.884 -3.931  1.00 50.22 ? 102 DA  B "O4'" 1 
ATOM   187 C "C3'" . DA  B 1 2 ? -0.375  -9.952  -4.946  1.00 54.02 ? 102 DA  B "C3'" 1 
ATOM   188 O "O3'" . DA  B 1 2 ? -1.730  -10.396 -5.083  1.00 55.06 ? 102 DA  B "O3'" 1 
ATOM   189 C "C2'" . DA  B 1 2 ? -0.073  -9.634  -3.494  1.00 52.58 ? 102 DA  B "C2'" 1 
ATOM   190 C "C1'" . DA  B 1 2 ? -0.036  -11.058 -2.920  1.00 50.81 ? 102 DA  B "C1'" 1 
ATOM   191 N N9    . DA  B 1 2 ? 0.774   -11.143 -1.702  1.00 50.66 ? 102 DA  B N9    1 
ATOM   192 C C8    . DA  B 1 2 ? 2.134   -11.105 -1.611  1.00 50.44 ? 102 DA  B C8    1 
ATOM   193 N N7    . DA  B 1 2 ? 2.602   -11.193 -0.393  1.00 52.27 ? 102 DA  B N7    1 
ATOM   194 C C5    . DA  B 1 2 ? 1.474   -11.305 0.371   1.00 50.42 ? 102 DA  B C5    1 
ATOM   195 C C6    . DA  B 1 2 ? 1.310   -11.363 1.766   1.00 49.19 ? 102 DA  B C6    1 
ATOM   196 N N6    . DA  B 1 2 ? 2.350   -11.387 2.650   1.00 46.17 ? 102 DA  B N6    1 
ATOM   197 N N1    . DA  B 1 2 ? 0.015   -11.428 2.172   1.00 46.88 ? 102 DA  B N1    1 
ATOM   198 C C2    . DA  B 1 2 ? -0.983  -11.422 1.308   1.00 48.31 ? 102 DA  B C2    1 
ATOM   199 N N3    . DA  B 1 2 ? -0.936  -11.324 -0.012  1.00 48.08 ? 102 DA  B N3    1 
ATOM   200 C C4    . DA  B 1 2 ? 0.333   -11.261 -0.417  1.00 49.67 ? 102 DA  B C4    1 
ATOM   201 P P     . DC  B 1 3 ? -2.668  -9.963  -6.341  1.00 55.31 ? 103 DC  B P     1 
ATOM   202 O OP1   . DC  B 1 3 ? -3.592  -11.119 -6.419  1.00 52.62 ? 103 DC  B OP1   1 
ATOM   203 O OP2   . DC  B 1 3 ? -1.761  -9.538  -7.415  1.00 56.01 ? 103 DC  B OP2   1 
ATOM   204 O "O5'" . DC  B 1 3 ? -3.414  -8.600  -5.934  1.00 52.37 ? 103 DC  B "O5'" 1 
ATOM   205 C "C5'" . DC  B 1 3 ? -4.467  -8.593  -4.974  1.00 53.38 ? 103 DC  B "C5'" 1 
ATOM   206 C "C4'" . DC  B 1 3 ? -4.606  -7.213  -4.351  1.00 55.04 ? 103 DC  B "C4'" 1 
ATOM   207 O "O4'" . DC  B 1 3 ? -3.458  -6.899  -3.517  1.00 55.52 ? 103 DC  B "O4'" 1 
ATOM   208 C "C3'" . DC  B 1 3 ? -4.703  -6.023  -5.312  1.00 54.59 ? 103 DC  B "C3'" 1 
ATOM   209 O "O3'" . DC  B 1 3 ? -5.530  -5.068  -4.707  1.00 59.98 ? 103 DC  B "O3'" 1 
ATOM   210 C "C2'" . DC  B 1 3 ? -3.278  -5.499  -5.351  1.00 53.86 ? 103 DC  B "C2'" 1 
ATOM   211 C "C1'" . DC  B 1 3 ? -2.979  -5.631  -3.851  1.00 51.38 ? 103 DC  B "C1'" 1 
ATOM   212 N N1    . DC  B 1 3 ? -1.562  -5.597  -3.416  1.00 52.85 ? 103 DC  B N1    1 
ATOM   213 C C2    . DC  B 1 3 ? -1.274  -5.248  -2.084  1.00 50.58 ? 103 DC  B C2    1 
ATOM   214 O O2    . DC  B 1 3 ? -2.205  -4.931  -1.315  1.00 52.77 ? 103 DC  B O2    1 
ATOM   215 N N3    . DC  B 1 3 ? 0.022   -5.267  -1.703  1.00 50.78 ? 103 DC  B N3    1 
ATOM   216 C C4    . DC  B 1 3 ? 0.986   -5.596  -2.566  1.00 49.78 ? 103 DC  B C4    1 
ATOM   217 N N4    . DC  B 1 3 ? 2.262   -5.580  -2.155  1.00 52.40 ? 103 DC  B N4    1 
ATOM   218 C C5    . DC  B 1 3 ? 0.707   -5.978  -3.899  1.00 54.36 ? 103 DC  B C5    1 
ATOM   219 C C6    . DC  B 1 3 ? -0.565  -5.969  -4.272  1.00 54.22 ? 103 DC  B C6    1 
ATOM   220 P P     . DC  B 1 4 ? -6.573  -4.182  -5.545  1.00 65.01 ? 104 DC  B P     1 
ATOM   221 O OP1   . DC  B 1 4 ? -7.608  -5.202  -5.862  1.00 60.59 ? 104 DC  B OP1   1 
ATOM   222 O OP2   . DC  B 1 4 ? -5.821  -3.336  -6.519  1.00 63.72 ? 104 DC  B OP2   1 
ATOM   223 O "O5'" . DC  B 1 4 ? -7.103  -3.056  -4.511  1.00 62.31 ? 104 DC  B "O5'" 1 
ATOM   224 C "C5'" . DC  B 1 4 ? -7.834  -3.454  -3.361  1.00 61.95 ? 104 DC  B "C5'" 1 
ATOM   225 C "C4'" . DC  B 1 4 ? -7.373  -2.621  -2.191  1.00 59.28 ? 104 DC  B "C4'" 1 
ATOM   226 O "O4'" . DC  B 1 4 ? -5.957  -2.850  -1.938  1.00 58.12 ? 104 DC  B "O4'" 1 
ATOM   227 C "C3'" . DC  B 1 4 ? -7.526  -1.128  -2.414  1.00 60.50 ? 104 DC  B "C3'" 1 
ATOM   228 O "O3'" . DC  B 1 4 ? -8.095  -0.601  -1.254  1.00 62.80 ? 104 DC  B "O3'" 1 
ATOM   229 C "C2'" . DC  B 1 4 ? -6.106  -0.631  -2.637  1.00 59.29 ? 104 DC  B "C2'" 1 
ATOM   230 C "C1'" . DC  B 1 4 ? -5.285  -1.623  -1.789  1.00 54.87 ? 104 DC  B "C1'" 1 
ATOM   231 N N1    . DC  B 1 4 ? -3.905  -1.789  -2.276  1.00 53.85 ? 104 DC  B N1    1 
ATOM   232 C C2    . DC  B 1 4 ? -2.844  -1.605  -1.363  1.00 52.03 ? 104 DC  B C2    1 
ATOM   233 O O2    . DC  B 1 4 ? -3.143  -1.378  -0.203  1.00 53.05 ? 104 DC  B O2    1 
ATOM   234 N N3    . DC  B 1 4 ? -1.580  -1.738  -1.798  1.00 50.35 ? 104 DC  B N3    1 
ATOM   235 C C4    . DC  B 1 4 ? -1.322  -2.050  -3.055  1.00 52.29 ? 104 DC  B C4    1 
ATOM   236 N N4    . DC  B 1 4 ? -0.044  -2.168  -3.421  1.00 53.75 ? 104 DC  B N4    1 
ATOM   237 C C5    . DC  B 1 4 ? -2.369  -2.195  -4.016  1.00 52.35 ? 104 DC  B C5    1 
ATOM   238 C C6    . DC  B 1 4 ? -3.625  -2.081  -3.574  1.00 51.14 ? 104 DC  B C6    1 
ATOM   239 P P     . DG  B 1 5 ? -8.500  0.914   -1.130  1.00 62.36 ? 105 DG  B P     1 
ATOM   240 O OP1   . DG  B 1 5 ? -9.903  0.829   -0.652  1.00 60.60 ? 105 DG  B OP1   1 
ATOM   241 O OP2   . DG  B 1 5 ? -8.055  1.714   -2.291  1.00 63.65 ? 105 DG  B OP2   1 
ATOM   242 O "O5'" . DG  B 1 5 ? -7.681  1.436   0.130   1.00 57.47 ? 105 DG  B "O5'" 1 
ATOM   243 C "C5'" . DG  B 1 5 ? -7.729  0.703   1.345   1.00 53.39 ? 105 DG  B "C5'" 1 
ATOM   244 C "C4'" . DG  B 1 5 ? -6.896  1.431   2.378   1.00 52.49 ? 105 DG  B "C4'" 1 
ATOM   245 O "O4'" . DG  B 1 5 ? -5.503  1.318   1.978   1.00 49.05 ? 105 DG  B "O4'" 1 
ATOM   246 C "C3'" . DG  B 1 5 ? -7.151  2.925   2.514   1.00 52.05 ? 105 DG  B "C3'" 1 
ATOM   247 O "O3'" . DG  B 1 5 ? -6.911  3.309   3.867   1.00 52.85 ? 105 DG  B "O3'" 1 
ATOM   248 C "C2'" . DG  B 1 5 ? -6.127  3.553   1.562   1.00 51.67 ? 105 DG  B "C2'" 1 
ATOM   249 C "C1'" . DG  B 1 5 ? -4.945  2.594   1.649   1.00 49.79 ? 105 DG  B "C1'" 1 
ATOM   250 N N9    . DG  B 1 5 ? -4.180  2.344   0.405   1.00 46.62 ? 105 DG  B N9    1 
ATOM   251 C C8    . DG  B 1 5 ? -4.697  2.109   -0.852  1.00 47.84 ? 105 DG  B C8    1 
ATOM   252 N N7    . DG  B 1 5 ? -3.782  1.832   -1.761  1.00 48.54 ? 105 DG  B N7    1 
ATOM   253 C C5    . DG  B 1 5 ? -2.602  1.888   -1.031  1.00 46.95 ? 105 DG  B C5    1 
ATOM   254 C C6    . DG  B 1 5 ? -1.276  1.680   -1.481  1.00 46.32 ? 105 DG  B C6    1 
ATOM   255 O O6    . DG  B 1 5 ? -0.874  1.405   -2.626  1.00 48.53 ? 105 DG  B O6    1 
ATOM   256 N N1    . DG  B 1 5 ? -0.411  1.829   -0.437  1.00 47.63 ? 105 DG  B N1    1 
ATOM   257 C C2    . DG  B 1 5 ? -0.741  2.093   0.879   1.00 47.26 ? 105 DG  B C2    1 
ATOM   258 N N2    . DG  B 1 5 ? 0.288   2.143   1.715   1.00 48.32 ? 105 DG  B N2    1 
ATOM   259 N N3    . DG  B 1 5 ? -1.955  2.280   1.342   1.00 47.42 ? 105 DG  B N3    1 
ATOM   260 C C4    . DG  B 1 5 ? -2.838  2.165   0.305   1.00 45.06 ? 105 DG  B C4    1 
ATOM   261 P P     . DG  B 1 6 ? -7.090  4.814   4.385   1.00 54.72 ? 106 DG  B P     1 
ATOM   262 O OP1   . DG  B 1 6 ? -7.327  4.663   5.826   1.00 58.87 ? 106 DG  B OP1   1 
ATOM   263 O OP2   . DG  B 1 6 ? -7.998  5.556   3.505   1.00 53.51 ? 106 DG  B OP2   1 
ATOM   264 O "O5'" . DG  B 1 6 ? -5.671  5.538   4.231   1.00 54.50 ? 106 DG  B "O5'" 1 
ATOM   265 C "C5'" . DG  B 1 6 ? -4.549  4.990   4.871   1.00 52.61 ? 106 DG  B "C5'" 1 
ATOM   266 C "C4'" . DG  B 1 6 ? -3.383  5.834   4.442   1.00 53.86 ? 106 DG  B "C4'" 1 
ATOM   267 O "O4'" . DG  B 1 6 ? -3.075  5.547   3.059   1.00 52.83 ? 106 DG  B "O4'" 1 
ATOM   268 C "C3'" . DG  B 1 6 ? -3.622  7.352   4.474   1.00 53.36 ? 106 DG  B "C3'" 1 
ATOM   269 O "O3'" . DG  B 1 6 ? -2.474  7.974   4.909   1.00 53.98 ? 106 DG  B "O3'" 1 
ATOM   270 C "C2'" . DG  B 1 6 ? -3.852  7.731   3.000   1.00 52.33 ? 106 DG  B "C2'" 1 
ATOM   271 C "C1'" . DG  B 1 6 ? -2.879  6.779   2.322   1.00 50.22 ? 106 DG  B "C1'" 1 
ATOM   272 N N9    . DG  B 1 6 ? -3.076  6.322   0.930   1.00 48.98 ? 106 DG  B N9    1 
ATOM   273 C C8    . DG  B 1 6 ? -4.244  6.202   0.226   1.00 47.77 ? 106 DG  B C8    1 
ATOM   274 N N7    . DG  B 1 6 ? -4.065  5.666   -0.956  1.00 46.08 ? 106 DG  B N7    1 
ATOM   275 C C5    . DG  B 1 6 ? -2.698  5.463   -1.020  1.00 45.24 ? 106 DG  B C5    1 
ATOM   276 C C6    . DG  B 1 6 ? -1.905  4.949   -2.050  1.00 47.24 ? 106 DG  B C6    1 
ATOM   277 O O6    . DG  B 1 6 ? -2.228  4.551   -3.150  1.00 49.41 ? 106 DG  B O6    1 
ATOM   278 N N1    . DG  B 1 6 ? -0.577  4.918   -1.710  1.00 49.38 ? 106 DG  B N1    1 
ATOM   279 C C2    . DG  B 1 6 ? -0.036  5.306   -0.518  1.00 47.79 ? 106 DG  B C2    1 
ATOM   280 N N2    . DG  B 1 6 ? 1.309   5.207   -0.417  1.00 49.27 ? 106 DG  B N2    1 
ATOM   281 N N3    . DG  B 1 6 ? -0.747  5.818   0.454   1.00 48.53 ? 106 DG  B N3    1 
ATOM   282 C C4    . DG  B 1 6 ? -2.068  5.855   0.121   1.00 46.75 ? 106 DG  B C4    1 
ATOM   283 P P     . DT  B 1 7 ? -2.446  9.012   6.136   1.00 58.14 ? 107 DT  B P     1 
ATOM   284 O OP1   . DT  B 1 7 ? -1.083  8.866   6.685   1.00 56.76 ? 107 DT  B OP1   1 
ATOM   285 O OP2   . DT  B 1 7 ? -3.638  8.724   7.002   1.00 55.52 ? 107 DT  B OP2   1 
ATOM   286 O "O5'" . DT  B 1 7 ? -2.633  10.439  5.427   1.00 58.32 ? 107 DT  B "O5'" 1 
ATOM   287 C "C5'" . DT  B 1 7 ? -1.504  11.064  4.782   1.00 59.13 ? 107 DT  B "C5'" 1 
ATOM   288 C "C4'" . DT  B 1 7 ? -1.834  12.449  4.279   1.00 58.16 ? 107 DT  B "C4'" 1 
ATOM   289 O "O4'" . DT  B 1 7 ? -3.107  12.394  3.594   1.00 59.02 ? 107 DT  B "O4'" 1 
ATOM   290 C "C3'" . DT  B 1 7 ? -2.076  13.513  5.321   1.00 58.42 ? 107 DT  B "C3'" 1 
ATOM   291 O "O3'" . DT  B 1 7 ? -1.916  14.794  4.669   1.00 57.85 ? 107 DT  B "O3'" 1 
ATOM   292 C "C2'" . DT  B 1 7 ? -3.514  13.230  5.737   1.00 58.06 ? 107 DT  B "C2'" 1 
ATOM   293 C "C1'" . DT  B 1 7 ? -4.107  13.050  4.338   1.00 60.19 ? 107 DT  B "C1'" 1 
ATOM   294 N N1    . DT  B 1 7 ? -5.392  12.278  4.176   1.00 60.43 ? 107 DT  B N1    1 
ATOM   295 C C2    . DT  B 1 7 ? -6.317  12.767  3.269   1.00 64.19 ? 107 DT  B C2    1 
ATOM   296 O O2    . DT  B 1 7 ? -6.164  13.785  2.577   1.00 63.43 ? 107 DT  B O2    1 
ATOM   297 N N3    . DT  B 1 7 ? -7.465  12.009  3.181   1.00 65.79 ? 107 DT  B N3    1 
ATOM   298 C C4    . DT  B 1 7 ? -7.788  10.854  3.869   1.00 61.34 ? 107 DT  B C4    1 
ATOM   299 O O4    . DT  B 1 7 ? -8.861  10.309  3.663   1.00 60.97 ? 107 DT  B O4    1 
ATOM   300 C C5    . DT  B 1 7 ? -6.776  10.388  4.783   1.00 62.30 ? 107 DT  B C5    1 
ATOM   301 C C7    . DT  B 1 7 ? -6.989  9.128   5.601   1.00 61.82 ? 107 DT  B C7    1 
ATOM   302 C C6    . DT  B 1 7 ? -5.645  11.121  4.891   1.00 60.41 ? 107 DT  B C6    1 
ATOM   303 P P     . DT  B 1 8 ? -0.586  15.625  5.012   1.00 60.77 ? 108 DT  B P     1 
ATOM   304 O OP1   . DT  B 1 8 ? -0.298  15.361  6.456   1.00 61.76 ? 108 DT  B OP1   1 
ATOM   305 O OP2   . DT  B 1 8 ? -0.729  16.992  4.504   1.00 57.62 ? 108 DT  B OP2   1 
ATOM   306 O "O5'" . DT  B 1 8 ? 0.505   14.801  4.183   1.00 59.02 ? 108 DT  B "O5'" 1 
ATOM   307 C "C5'" . DT  B 1 8 ? 1.653   14.235  4.721   1.00 56.45 ? 108 DT  B "C5'" 1 
ATOM   308 C "C4'" . DT  B 1 8 ? 2.441   13.633  3.568   1.00 55.56 ? 108 DT  B "C4'" 1 
ATOM   309 O "O4'" . DT  B 1 8 ? 1.506   13.042  2.619   1.00 56.04 ? 108 DT  B "O4'" 1 
ATOM   310 C "C3'" . DT  B 1 8 ? 3.265   14.641  2.783   1.00 55.12 ? 108 DT  B "C3'" 1 
ATOM   311 O "O3'" . DT  B 1 8 ? 4.609   14.203  2.644   1.00 56.00 ? 108 DT  B "O3'" 1 
ATOM   312 C "C2'" . DT  B 1 8 ? 2.541   14.740  1.441   1.00 54.13 ? 108 DT  B "C2'" 1 
ATOM   313 C "C1'" . DT  B 1 8 ? 1.855   13.381  1.303   1.00 51.98 ? 108 DT  B "C1'" 1 
ATOM   314 N N1    . DT  B 1 8 ? 0.586   13.271  0.477   1.00 52.19 ? 108 DT  B N1    1 
ATOM   315 C C2    . DT  B 1 8 ? 0.670   12.712  -0.772  1.00 50.52 ? 108 DT  B C2    1 
ATOM   316 O O2    . DT  B 1 8 ? 1.712   12.303  -1.263  1.00 52.15 ? 108 DT  B O2    1 
ATOM   317 N N3    . DT  B 1 8 ? -0.508  12.630  -1.445  1.00 48.80 ? 108 DT  B N3    1 
ATOM   318 C C4    . DT  B 1 8 ? -1.754  13.040  -1.021  1.00 49.80 ? 108 DT  B C4    1 
ATOM   319 O O4    . DT  B 1 8 ? -2.733  12.933  -1.755  1.00 51.02 ? 108 DT  B O4    1 
ATOM   320 C C5    . DT  B 1 8 ? -1.777  13.657  0.277   1.00 52.75 ? 108 DT  B C5    1 
ATOM   321 C C7    . DT  B 1 8 ? -3.076  14.185  0.789   1.00 51.94 ? 108 DT  B C7    1 
ATOM   322 C C6    . DT  B 1 8 ? -0.623  13.752  0.957   1.00 52.77 ? 108 DT  B C6    1 
HETATM 323 O O44   . GGT C 2 . ? 9.289   -8.628  -2.190  1.00 65.26 ? 9   GGT A O44   1 
HETATM 324 C C48   . GGT C 2 . ? 8.960   -8.674  -1.004  1.00 62.33 ? 9   GGT A C48   1 
HETATM 325 C C47   . GGT C 2 . ? 9.923   -8.189  0.058   1.00 63.59 ? 9   GGT A C47   1 
HETATM 326 C C44   . GGT C 2 . ? 7.541   -9.212  -0.638  1.00 58.33 ? 9   GGT A C44   1 
HETATM 327 O O43   . GGT C 2 . ? 7.293   -10.472 -1.238  1.00 63.01 ? 9   GGT A O43   1 
HETATM 328 C C43   . GGT C 2 . ? 6.505   -8.210  -1.217  1.00 55.57 ? 9   GGT A C43   1 
HETATM 329 O O42   . GGT C 2 . ? 6.848   -6.874  -0.847  1.00 54.47 ? 9   GGT A O42   1 
HETATM 330 C C42   . GGT C 2 . ? 5.056   -8.513  -0.802  1.00 51.30 ? 9   GGT A C42   1 
HETATM 331 C C45   . GGT C 2 . ? 7.276   -9.444  0.854   1.00 58.15 ? 9   GGT A C45   1 
HETATM 332 C C46   . GGT C 2 . ? 8.147   -10.506 1.601   1.00 56.70 ? 9   GGT A C46   1 
HETATM 333 O O41   . GGT C 2 . ? 5.872   -9.878  0.966   1.00 53.83 ? 9   GGT A O41   1 
HETATM 334 C C41   . GGT C 2 . ? 4.955   -8.820  0.676   1.00 51.78 ? 9   GGT A C41   1 
HETATM 335 O O11   . GGT C 2 . ? 5.275   -7.626  1.382   1.00 48.65 ? 9   GGT A O11   1 
HETATM 336 C C13   . GGT C 2 . ? 4.681   -7.406  2.613   1.00 47.53 ? 9   GGT A C13   1 
HETATM 337 C C14   . GGT C 2 . ? 5.322   -6.022  3.107   1.00 47.31 ? 9   GGT A C14   1 
HETATM 338 C C17   . GGT C 2 . ? 4.444   -4.786  3.161   1.00 46.01 ? 9   GGT A C17   1 
HETATM 339 O O12   . GGT C 2 . ? 6.439   -5.666  2.303   1.00 47.11 ? 9   GGT A O12   1 
HETATM 340 C C15   . GGT C 2 . ? 5.903   -6.499  4.429   1.00 45.89 ? 9   GGT A C15   1 
HETATM 341 O O8    . GGT C 2 . ? 6.423   -7.795  4.080   1.00 47.58 ? 9   GGT A O8    1 
HETATM 342 C C12   . GGT C 2 . ? 5.131   -8.340  3.723   1.00 44.29 ? 9   GGT A C12   1 
HETATM 343 C C16   . GGT C 2 . ? 6.997   -5.666  5.054   1.00 45.14 ? 9   GGT A C16   1 
HETATM 344 O O9    . GGT C 2 . ? 7.888   -6.465  5.822   1.00 47.85 ? 9   GGT A O9    1 
HETATM 345 C C33   . GGT C 2 . ? 7.351   -7.104  7.029   1.00 51.50 ? 9   GGT A C33   1 
HETATM 346 O O10   . GGT C 2 . ? 6.400   -4.696  5.817   1.00 45.55 ? 9   GGT A O10   1 
HETATM 347 C C32   . GGT C 2 . ? 7.224   -3.507  6.029   1.00 45.65 ? 9   GGT A C32   1 
HETATM 348 O O7    . GGT C 2 . ? 4.838   -6.717  5.373   1.00 44.71 ? 9   GGT A O7    1 
HETATM 349 C C11   . GGT C 2 . ? 4.309   -7.989  4.977   1.00 45.72 ? 9   GGT A C11   1 
HETATM 350 C C7    . GGT C 2 . ? 2.850   -7.976  4.664   1.00 43.85 ? 9   GGT A C7    1 
HETATM 351 C C6    . GGT C 2 . ? 1.967   -8.190  5.749   1.00 44.68 ? 9   GGT A C6    1 
HETATM 352 C C31   . GGT C 2 . ? 2.519   -8.262  7.184   1.00 43.51 ? 9   GGT A C31   1 
HETATM 353 O O6    . GGT C 2 . ? 3.281   -7.526  2.347   1.00 45.95 ? 9   GGT A O6    1 
HETATM 354 C C8    . GGT C 2 . ? 2.409   -7.833  3.366   1.00 46.05 ? 9   GGT A C8    1 
HETATM 355 C C25   . GGT C 2 . ? 1.030   -7.874  3.081   1.00 42.25 ? 9   GGT A C25   1 
HETATM 356 C C26   . GGT C 2 . ? 0.152   -8.063  4.155   1.00 43.33 ? 9   GGT A C26   1 
HETATM 357 C C5    . GGT C 2 . ? 0.632   -8.201  5.475   1.00 44.15 ? 9   GGT A C5    1 
HETATM 358 C C10   . GGT C 2 . ? -1.237  -8.129  3.897   1.00 44.74 ? 9   GGT A C10   1 
HETATM 359 O O4    . GGT C 2 . ? -2.125  -8.274  4.905   1.00 45.88 ? 9   GGT A O4    1 
HETATM 360 C C30   . GGT C 2 . ? -2.645  -7.096  5.558   1.00 46.44 ? 9   GGT A C30   1 
HETATM 361 C C28   . GGT C 2 . ? -1.691  -8.060  2.646   1.00 43.93 ? 9   GGT A C28   1 
HETATM 362 C C27   . GGT C 2 . ? -0.803  -7.903  1.550   1.00 43.15 ? 9   GGT A C27   1 
HETATM 363 C C9    . GGT C 2 . ? 0.546   -7.845  1.745   1.00 44.56 ? 9   GGT A C9    1 
HETATM 364 O O5    . GGT C 2 . ? 1.402   -7.739  0.693   1.00 44.89 ? 9   GGT A O5    1 
HETATM 365 C C4    . GGT C 2 . ? -3.229  -8.143  2.448   1.00 46.65 ? 9   GGT A C4    1 
HETATM 366 C C3    . GGT C 2 . ? -3.524  -8.677  1.062   1.00 46.90 ? 9   GGT A C3    1 
HETATM 367 C C2    . GGT C 2 . ? -2.845  -7.878  0.003   1.00 47.15 ? 9   GGT A C2    1 
HETATM 368 O O2    . GGT C 2 . ? -3.228  -8.474  -1.217  1.00 54.54 ? 9   GGT A O2    1 
HETATM 369 C C1    . GGT C 2 . ? -1.353  -7.859  0.212   1.00 45.84 ? 9   GGT A C1    1 
HETATM 370 O O3    . GGT C 2 . ? -0.588  -7.942  -0.756  1.00 47.82 ? 9   GGT A O3    1 
HETATM 371 O O1    . GGT C 2 . ? -3.849  -6.866  2.626   1.00 48.90 ? 9   GGT A O1    1 
HETATM 372 C "C1'" . GGT C 2 . ? -5.284  -6.971  2.650   1.00 52.89 ? 9   GGT A "C1'" 1 
HETATM 373 O "O1'" . GGT C 2 . ? -5.806  -6.903  1.326   1.00 51.70 ? 9   GGT A "O1'" 1 
HETATM 374 C "C5'" . GGT C 2 . ? -5.774  -5.630  0.645   1.00 53.21 ? 9   GGT A "C5'" 1 
HETATM 375 C "C9'" . GGT C 2 . ? -6.411  -5.819  -0.729  1.00 53.48 ? 9   GGT A "C9'" 1 
HETATM 376 C "C4'" . GGT C 2 . ? -6.445  -4.552  1.472   1.00 51.24 ? 9   GGT A "C4'" 1 
HETATM 377 C "C3'" . GGT C 2 . ? -5.848  -4.479  2.866   1.00 54.19 ? 9   GGT A "C3'" 1 
HETATM 378 O "O2'" . GGT C 2 . ? -4.494  -3.975  2.655   1.00 54.85 ? 9   GGT A "O2'" 1 
HETATM 379 C "C8'" . GGT C 2 . ? -6.616  -3.448  3.683   1.00 55.12 ? 9   GGT A "C8'" 1 
HETATM 380 C "C2'" . GGT C 2 . ? -5.921  -5.876  3.487   1.00 52.83 ? 9   GGT A "C2'" 1 
HETATM 381 O "O3'" . GGT C 2 . ? -7.811  -4.953  1.617   1.00 50.12 ? 9   GGT A "O3'" 1 
HETATM 382 C "C6'" . GGT C 2 . ? -8.808  -4.048  1.278   1.00 48.87 ? 9   GGT A "C6'" 1 
HETATM 383 O "O4'" . GGT C 2 . ? -8.609  -2.905  0.943   1.00 50.66 ? 9   GGT A "O4'" 1 
HETATM 384 C "C7'" . GGT C 2 . ? -10.135 -4.676  1.453   1.00 50.04 ? 9   GGT A "C7'" 1 
HETATM 385 O O44   . GGT D 2 . ? -7.515  7.794   -9.501  1.00 60.67 ? 109 GGT B O44   1 
HETATM 386 C C48   . GGT D 2 . ? -7.352  8.102   -8.310  1.00 52.30 ? 109 GGT B C48   1 
HETATM 387 C C47   . GGT D 2 . ? -8.470  8.171   -7.316  1.00 47.22 ? 109 GGT B C47   1 
HETATM 388 C C44   . GGT D 2 . ? -5.951  8.419   -7.810  1.00 47.24 ? 109 GGT B C44   1 
HETATM 389 O O43   . GGT D 2 . ? -5.284  9.237   -8.810  1.00 47.63 ? 109 GGT B O43   1 
HETATM 390 C C43   . GGT D 2 . ? -5.245  7.083   -7.617  1.00 46.71 ? 109 GGT B C43   1 
HETATM 391 O O42   . GGT D 2 . ? -6.001  6.169   -6.840  1.00 48.13 ? 109 GGT B O42   1 
HETATM 392 C C42   . GGT D 2 . ? -3.964  7.200   -6.877  1.00 44.53 ? 109 GGT B C42   1 
HETATM 393 C C45   . GGT D 2 . ? -6.028  9.153   -6.456  1.00 45.12 ? 109 GGT B C45   1 
HETATM 394 C C46   . GGT D 2 . ? -6.522  10.579  -6.465  1.00 46.71 ? 109 GGT B C46   1 
HETATM 395 O O41   . GGT D 2 . ? -4.671  9.320   -5.948  1.00 48.79 ? 109 GGT B O41   1 
HETATM 396 C C41   . GGT D 2 . ? -4.016  8.075   -5.629  1.00 44.11 ? 109 GGT B C41   1 
HETATM 397 O O11   . GGT D 2 . ? -4.750  7.271   -4.690  1.00 46.67 ? 109 GGT B O11   1 
HETATM 398 C C13   . GGT D 2 . ? -4.839  7.612   -3.370  1.00 48.22 ? 109 GGT B C13   1 
HETATM 399 C C14   . GGT D 2 . ? -5.788  6.466   -2.786  1.00 47.06 ? 109 GGT B C14   1 
HETATM 400 C C17   . GGT D 2 . ? -5.153  5.451   -1.849  1.00 45.98 ? 109 GGT B C17   1 
HETATM 401 O O12   . GGT D 2 . ? -6.437  5.693   -3.815  1.00 46.21 ? 109 GGT B O12   1 
HETATM 402 C C15   . GGT D 2 . ? -6.822  7.389   -2.152  1.00 47.99 ? 109 GGT B C15   1 
HETATM 403 O O8    . GGT D 2 . ? -6.985  8.417   -3.133  1.00 49.12 ? 109 GGT B O8    1 
HETATM 404 C C12   . GGT D 2 . ? -5.632  8.863   -3.003  1.00 48.83 ? 109 GGT B C12   1 
HETATM 405 C C16   . GGT D 2 . ? -8.149  6.759   -1.801  1.00 51.20 ? 109 GGT B C16   1 
HETATM 406 O O9    . GGT D 2 . ? -9.035  7.752   -1.417  1.00 55.52 ? 109 GGT B O9    1 
HETATM 407 C C33   . GGT D 2 . ? -10.085 7.913   -2.382  1.00 58.97 ? 109 GGT B C33   1 
HETATM 408 O O10   . GGT D 2 . ? -7.974  5.916   -0.710  1.00 53.35 ? 109 GGT B O10   1 
HETATM 409 C C32   . GGT D 2 . ? -8.868  4.788   -0.705  1.00 47.67 ? 109 GGT B C32   1 
HETATM 410 O O7    . GGT D 2 . ? -6.251  8.016   -0.991  1.00 47.26 ? 109 GGT B O7    1 
HETATM 411 C C11   . GGT D 2 . ? -5.443  9.090   -1.514  1.00 48.61 ? 109 GGT B C11   1 
HETATM 412 C C7    . GGT D 2 . ? -3.986  9.173   -1.116  1.00 47.91 ? 109 GGT B C7    1 
HETATM 413 C C6    . GGT D 2 . ? -3.565  9.930   0.025   1.00 49.60 ? 109 GGT B C6    1 
HETATM 414 C C31   . GGT D 2 . ? -4.600  10.587  0.939   1.00 48.53 ? 109 GGT B C31   1 
HETATM 415 O O6    . GGT D 2 . ? -3.489  7.778   -2.982  1.00 48.78 ? 109 GGT B O6    1 
HETATM 416 C C8    . GGT D 2 . ? -3.050  8.555   -1.927  1.00 49.72 ? 109 GGT B C8    1 
HETATM 417 C C25   . GGT D 2 . ? -1.655  8.646   -1.646  1.00 47.49 ? 109 GGT B C25   1 
HETATM 418 C C26   . GGT D 2 . ? -1.251  9.350   -0.516  1.00 47.69 ? 109 GGT B C26   1 
HETATM 419 C C5    . GGT D 2 . ? -2.216  10.019  0.317   1.00 47.72 ? 109 GGT B C5    1 
HETATM 420 C C10   . GGT D 2 . ? 0.146   9.443   -0.246  1.00 48.69 ? 109 GGT B C10   1 
HETATM 421 O O4    . GGT D 2 . ? 0.615   10.151  0.843   1.00 50.23 ? 109 GGT B O4    1 
HETATM 422 C C30   . GGT D 2 . ? 0.796   9.367   2.031   1.00 56.59 ? 109 GGT B C30   1 
HETATM 423 C C28   . GGT D 2 . ? 1.080   8.878   -1.068  1.00 48.02 ? 109 GGT B C28   1 
HETATM 424 C C27   . GGT D 2 . ? 0.694   8.159   -2.208  1.00 47.49 ? 109 GGT B C27   1 
HETATM 425 C C9    . GGT D 2 . ? -0.660  8.069   -2.510  1.00 47.50 ? 109 GGT B C9    1 
HETATM 426 O O5    . GGT D 2 . ? -1.069  7.385   -3.599  1.00 47.07 ? 109 GGT B O5    1 
HETATM 427 C C4    . GGT D 2 . ? 2.543   9.052   -0.684  1.00 48.97 ? 109 GGT B C4    1 
HETATM 428 C C3    . GGT D 2 . ? 3.458   8.928   -1.913  1.00 49.68 ? 109 GGT B C3    1 
HETATM 429 C C2    . GGT D 2 . ? 3.191   7.660   -2.682  1.00 48.77 ? 109 GGT B C2    1 
HETATM 430 O O2    . GGT D 2 . ? 4.015   7.635   -3.858  1.00 49.44 ? 109 GGT B O2    1 
HETATM 431 C C1    . GGT D 2 . ? 1.725   7.585   -3.073  1.00 48.22 ? 109 GGT B C1    1 
HETATM 432 O O3    . GGT D 2 . ? 1.382   7.143   -4.199  1.00 48.20 ? 109 GGT B O3    1 
HETATM 433 O O1    . GGT D 2 . ? 2.867   8.039   0.276   1.00 55.26 ? 109 GGT B O1    1 
HETATM 434 C "C1'" . GGT D 2 . ? 4.135   8.304   0.925   1.00 53.84 ? 109 GGT B "C1'" 1 
HETATM 435 O "O1'" . GGT D 2 . ? 5.211   7.648   0.252   1.00 54.75 ? 109 GGT B "O1'" 1 
HETATM 436 C "C5'" . GGT D 2 . ? 5.158   6.214   0.262   1.00 55.23 ? 109 GGT B "C5'" 1 
HETATM 437 C "C9'" . GGT D 2 . ? 6.315   5.695   -0.605  1.00 55.49 ? 109 GGT B "C9'" 1 
HETATM 438 C "C4'" . GGT D 2 . ? 5.325   5.833   1.716   1.00 55.97 ? 109 GGT B "C4'" 1 
HETATM 439 C "C3'" . GGT D 2 . ? 4.215   6.420   2.600   1.00 56.61 ? 109 GGT B "C3'" 1 
HETATM 440 O "O2'" . GGT D 2 . ? 3.089   5.659   2.109   1.00 55.61 ? 109 GGT B "O2'" 1 
HETATM 441 C "C8'" . GGT D 2 . ? 4.468   6.185   4.096   1.00 57.88 ? 109 GGT B "C8'" 1 
HETATM 442 C "C2'" . GGT D 2 . ? 4.086   7.909   2.376   1.00 52.61 ? 109 GGT B "C2'" 1 
HETATM 443 O "O3'" . GGT D 2 . ? 6.597   6.481   2.029   1.00 57.19 ? 109 GGT B "O3'" 1 
HETATM 444 C "C6'" . GGT D 2 . ? 7.476   5.820   2.829   1.00 57.27 ? 109 GGT B "C6'" 1 
HETATM 445 O "O4'" . GGT D 2 . ? 7.399   4.637   3.001   1.00 53.46 ? 109 GGT B "O4'" 1 
HETATM 446 C "C7'" . GGT D 2 . ? 8.485   6.776   3.367   1.00 58.23 ? 109 GGT B "C7'" 1 
HETATM 447 O O     . HOH E 3 . ? 4.291   -4.778  7.616   1.00 50.36 ? 201 HOH A O     1 
HETATM 448 O O     . HOH E 3 . ? 5.447   -11.753 -1.072  1.00 63.83 ? 202 HOH A O     1 
HETATM 449 O O     . HOH E 3 . ? 5.120   -14.629 1.652   1.00 59.89 ? 203 HOH A O     1 
HETATM 450 O O     . HOH E 3 . ? 7.991   -10.947 5.502   1.00 71.36 ? 205 HOH A O     1 
HETATM 451 O O     . HOH E 3 . ? -2.209  -0.988  4.556   1.00 67.81 ? 206 HOH A O     1 
HETATM 452 O O     . HOH E 3 . ? 0.241   0.466   4.814   1.00 57.32 ? 207 HOH A O     1 
HETATM 453 O O     . HOH E 3 . ? -2.841  -3.743  4.885   1.00 54.59 ? 208 HOH A O     1 
HETATM 454 O O     . HOH E 3 . ? 5.331   -11.275 5.076   1.00 53.58 ? 212 HOH A O     1 
HETATM 455 O O     . HOH E 3 . ? 3.463   -12.871 6.699   1.00 49.40 ? 213 HOH A O     1 
HETATM 456 O O     . HOH E 3 . ? -0.031  -12.438 12.616  1.00 56.51 ? 214 HOH A O     1 
HETATM 457 O O     . HOH E 3 . ? 5.179   -11.898 2.315   1.00 58.88 ? 215 HOH A O     1 
HETATM 458 O O     . HOH E 3 . ? -0.631  -4.634  13.077  1.00 68.19 ? 216 HOH A O     1 
HETATM 459 O O     . HOH E 3 . ? 1.949   2.767   -10.301 1.00 66.57 ? 218 HOH A O     1 
HETATM 460 O O     . HOH E 3 . ? -0.005  0.776   -7.832  1.00 93.34 ? 219 HOH A O     1 
HETATM 461 O O     . HOH E 3 . ? 2.641   0.183   -6.154  1.00 78.89 ? 220 HOH A O     1 
HETATM 462 O O     . HOH F 3 . ? -2.245  2.629   4.207   1.00 71.74 ? 204 HOH B O     1 
HETATM 463 O O     . HOH F 3 . ? -2.759  1.634   -4.580  1.00 68.00 ? 209 HOH B O     1 
HETATM 464 O O     . HOH F 3 . ? 0.583   6.129   3.029   1.00 70.91 ? 210 HOH B O     1 
HETATM 465 O O     . HOH F 3 . ? 5.235   9.897   -5.144  1.00 73.52 ? 211 HOH B O     1 
HETATM 466 O O     . HOH F 3 . ? -4.604  -1.483  1.682   1.00 63.74 ? 217 HOH B O     1 
HETATM 467 O O     . HOH F 3 . ? 0.808   -3.019  -6.200  1.00 77.14 ? 221 HOH B O     1 
# 
